data_3RT0
#
_entry.id   3RT0
#
_cell.length_a   70.766
_cell.length_b   83.503
_cell.length_c   88.544
_cell.angle_alpha   90.00
_cell.angle_beta   97.20
_cell.angle_gamma   90.00
#
_symmetry.space_group_name_H-M   'P 1 21 1'
#
loop_
_entity.id
_entity.type
_entity.pdbx_description
1 polymer 'Protein phosphatase 2C 16'
2 polymer 'Abscisic acid receptor PYL10'
3 non-polymer 'MAGNESIUM ION'
4 water water
#
loop_
_entity_poly.entity_id
_entity_poly.type
_entity_poly.pdbx_seq_one_letter_code
_entity_poly.pdbx_strand_id
1 'polypeptide(L)'
;SNHLVKGRSVYELDCIPLWGTVSIQGNRSEMEDAFAVSPHFLKLPIKMLMGDHEGMSPSLTHLTGHFFGVYDGHGGHKVA
DYCRDRLHFALAEEIERIKDELSKRNTGEGRQVQWDKVFTSCFLTVDGEIEGKIGRAVVGSSDKVLEAVASETVGSTAVV
ALVCSSHIVVSNCGDSRAVLFRGKEAMPLSVDHKPDREDEYARIENAGGKVIQWQGARVFGVLAMSRSIGDRYLKPYVIP
EPEVTFMPRSREDECLILASDGLWDVMNNQEVCEIARRRILMWHKKNGAPPLAERGKGIDPACQAAADYLSMLALQKGSK
DNISIIVIDLKAQRKFKTRT
;
A,B
2 'polypeptide(L)'
;MNGDETKKVESEYIKKHHRHELVESQCSSTLVKHIKAPLHLVWSIVRRFDEPQKYKPFISRCVVQGKKLEVGSVREVDLK
SGLPATKSTEVLEILDDNEHILGIRIVGGDHRLKNYSSTISLHSETIDGKTGTLAIESFVVDVPEGNTKEETCFFVEALI
QSNLNSLADVTERLQAESMEKKI
;
C,D
#
# COMPACT_ATOMS: atom_id res chain seq x y z
N SER A 9 -1.99 17.44 21.11
CA SER A 9 -1.15 17.28 19.92
C SER A 9 -0.52 15.89 19.84
N VAL A 10 -0.58 15.30 18.64
CA VAL A 10 -0.09 13.94 18.43
C VAL A 10 1.43 13.85 18.64
N TYR A 11 2.15 14.90 18.30
CA TYR A 11 3.61 14.92 18.50
C TYR A 11 3.99 15.10 19.95
N GLU A 12 3.00 15.05 20.84
CA GLU A 12 3.20 15.33 22.25
C GLU A 12 2.84 14.11 23.10
N LEU A 13 2.00 13.24 22.54
CA LEU A 13 1.51 12.07 23.27
C LEU A 13 2.59 11.03 23.55
N ASP A 14 2.40 10.29 24.64
CA ASP A 14 3.28 9.18 24.98
C ASP A 14 3.02 7.98 24.08
N CYS A 15 4.08 7.51 23.41
CA CYS A 15 3.96 6.36 22.53
C CYS A 15 4.39 5.09 23.24
N ILE A 16 3.43 4.34 23.79
CA ILE A 16 3.73 3.11 24.49
C ILE A 16 3.73 1.93 23.51
N PRO A 17 4.88 1.26 23.39
CA PRO A 17 5.02 0.19 22.38
C PRO A 17 4.42 -1.14 22.85
N LEU A 18 3.45 -1.64 22.08
CA LEU A 18 2.77 -2.88 22.37
C LEU A 18 3.03 -3.89 21.26
N TRP A 19 3.74 -4.98 21.57
CA TRP A 19 4.07 -5.95 20.54
C TRP A 19 4.21 -7.37 21.07
N GLY A 20 4.15 -8.32 20.14
CA GLY A 20 4.41 -9.73 20.45
C GLY A 20 5.22 -10.32 19.31
N THR A 21 5.95 -11.39 19.59
N THR A 21 5.97 -11.38 19.59
CA THR A 21 6.83 -11.97 18.59
CA THR A 21 6.82 -11.96 18.56
C THR A 21 6.89 -13.48 18.63
C THR A 21 6.89 -13.47 18.63
N VAL A 22 6.90 -14.10 17.46
N VAL A 22 6.89 -14.09 17.46
CA VAL A 22 7.18 -15.52 17.35
CA VAL A 22 7.20 -15.51 17.35
C VAL A 22 8.22 -15.74 16.25
C VAL A 22 8.27 -15.67 16.28
N SER A 23 9.21 -16.55 16.53
CA SER A 23 10.20 -16.89 15.51
C SER A 23 10.61 -18.33 15.75
N ILE A 24 10.13 -19.23 14.91
CA ILE A 24 10.37 -20.66 15.10
C ILE A 24 10.88 -21.34 13.84
N GLN A 25 11.56 -22.48 14.00
CA GLN A 25 12.16 -23.19 12.88
C GLN A 25 11.08 -23.86 12.05
N GLY A 26 10.01 -24.26 12.71
CA GLY A 26 8.92 -24.94 12.04
C GLY A 26 9.37 -26.23 11.37
N ASN A 27 8.76 -26.54 10.23
CA ASN A 27 9.01 -27.79 9.53
C ASN A 27 10.32 -27.83 8.74
N ARG A 28 11.19 -26.86 8.98
CA ARG A 28 12.45 -26.75 8.26
C ARG A 28 13.59 -27.51 8.93
N SER A 29 14.62 -27.85 8.16
CA SER A 29 15.77 -28.59 8.66
C SER A 29 16.74 -27.72 9.47
N GLU A 30 16.64 -26.40 9.30
CA GLU A 30 17.47 -25.47 10.06
C GLU A 30 16.87 -24.07 10.11
N MET A 31 17.21 -23.31 11.15
CA MET A 31 16.66 -21.98 11.35
C MET A 31 17.48 -20.91 10.64
N GLU A 32 16.84 -20.20 9.72
CA GLU A 32 17.51 -19.15 8.97
C GLU A 32 16.80 -17.80 9.13
N ASP A 33 15.85 -17.74 10.06
CA ASP A 33 15.12 -16.53 10.34
C ASP A 33 15.70 -15.82 11.56
N ALA A 34 15.65 -14.50 11.57
CA ALA A 34 16.07 -13.71 12.72
C ALA A 34 15.19 -12.47 12.83
N PHE A 35 15.19 -11.85 14.00
CA PHE A 35 14.36 -10.69 14.24
C PHE A 35 14.94 -9.83 15.34
N ALA A 36 14.50 -8.58 15.41
CA ALA A 36 14.95 -7.67 16.44
C ALA A 36 13.87 -6.64 16.78
N VAL A 37 13.65 -6.46 18.07
CA VAL A 37 12.75 -5.43 18.55
C VAL A 37 13.50 -4.56 19.56
N SER A 38 13.46 -3.26 19.34
CA SER A 38 14.14 -2.32 20.23
C SER A 38 13.23 -1.16 20.57
N PRO A 39 12.49 -1.30 21.68
CA PRO A 39 11.57 -0.26 22.11
C PRO A 39 12.30 0.97 22.62
N HIS A 40 11.69 2.14 22.44
CA HIS A 40 12.28 3.39 22.90
C HIS A 40 13.74 3.50 22.48
N PHE A 41 14.05 3.08 21.26
CA PHE A 41 15.43 3.01 20.81
C PHE A 41 15.92 4.28 20.12
N LEU A 42 15.08 4.86 19.28
CA LEU A 42 15.51 5.98 18.45
C LEU A 42 14.94 7.33 18.89
N LYS A 43 15.64 8.38 18.50
CA LYS A 43 15.19 9.74 18.74
C LYS A 43 14.99 10.40 17.38
N LEU A 44 13.75 10.39 16.90
CA LEU A 44 13.44 10.90 15.57
C LEU A 44 13.19 12.40 15.58
N PRO A 45 13.91 13.12 14.72
CA PRO A 45 13.79 14.58 14.63
C PRO A 45 12.44 14.97 14.05
N ILE A 46 11.72 15.84 14.75
CA ILE A 46 10.36 16.18 14.34
C ILE A 46 10.31 16.71 12.92
N LYS A 47 11.39 17.36 12.50
CA LYS A 47 11.47 17.92 11.15
C LYS A 47 11.45 16.83 10.09
N MET A 48 11.74 15.59 10.45
CA MET A 48 11.62 14.49 9.51
C MET A 48 10.25 13.82 9.56
N LEU A 49 9.36 14.37 10.37
CA LEU A 49 8.04 13.80 10.58
C LEU A 49 6.92 14.75 10.19
N MET A 50 6.96 15.98 10.70
CA MET A 50 5.91 16.96 10.43
C MET A 50 5.69 17.23 8.95
N GLY A 51 4.42 17.23 8.53
CA GLY A 51 4.11 17.52 7.15
C GLY A 51 4.05 19.02 6.88
N ASP A 52 4.09 19.39 5.61
CA ASP A 52 4.07 20.80 5.22
C ASP A 52 2.80 21.52 5.65
N HIS A 53 1.66 20.83 5.55
CA HIS A 53 0.37 21.42 5.86
C HIS A 53 0.19 21.74 7.34
N GLU A 54 1.07 21.20 8.17
CA GLU A 54 0.99 21.44 9.62
C GLU A 54 1.72 22.73 10.02
N GLY A 55 1.54 23.14 11.27
CA GLY A 55 2.23 24.31 11.77
C GLY A 55 3.71 24.03 11.94
N MET A 56 4.50 25.08 12.10
CA MET A 56 5.93 24.92 12.33
C MET A 56 6.18 24.73 13.81
N SER A 57 7.44 24.58 14.20
CA SER A 57 7.78 24.35 15.60
C SER A 57 7.18 23.04 16.10
N THR A 61 11.20 18.77 19.98
CA THR A 61 12.49 18.52 19.34
C THR A 61 12.58 17.15 18.65
N HIS A 62 12.14 16.11 19.36
CA HIS A 62 12.16 14.77 18.78
C HIS A 62 11.16 13.82 19.44
N LEU A 63 10.72 12.83 18.67
CA LEU A 63 9.78 11.83 19.16
C LEU A 63 10.52 10.53 19.39
N THR A 64 10.12 9.78 20.40
CA THR A 64 10.69 8.47 20.61
C THR A 64 10.25 7.54 19.47
N GLY A 65 11.19 6.78 18.94
CA GLY A 65 10.89 5.82 17.90
C GLY A 65 11.17 4.40 18.34
N HIS A 66 10.28 3.47 18.00
CA HIS A 66 10.49 2.06 18.31
C HIS A 66 10.89 1.32 17.05
N PHE A 67 11.81 0.37 17.19
CA PHE A 67 12.34 -0.33 16.03
C PHE A 67 11.86 -1.76 16.01
N PHE A 68 11.42 -2.21 14.85
CA PHE A 68 11.00 -3.58 14.64
C PHE A 68 11.56 -4.09 13.33
N GLY A 69 12.19 -5.26 13.34
CA GLY A 69 12.81 -5.76 12.13
C GLY A 69 12.69 -7.26 12.02
N VAL A 70 12.42 -7.75 10.81
CA VAL A 70 12.36 -9.18 10.55
C VAL A 70 13.31 -9.52 9.39
N TYR A 71 14.13 -10.55 9.57
CA TYR A 71 15.15 -10.89 8.58
C TYR A 71 15.03 -12.33 8.11
N ASP A 72 14.62 -12.51 6.87
CA ASP A 72 14.35 -13.86 6.41
C ASP A 72 15.56 -14.35 5.63
N GLY A 73 16.44 -15.08 6.31
CA GLY A 73 17.69 -15.50 5.72
C GLY A 73 17.55 -16.57 4.64
N HIS A 74 18.48 -16.57 3.68
CA HIS A 74 18.55 -17.61 2.67
C HIS A 74 19.98 -17.98 2.42
N GLY A 75 20.22 -19.26 2.13
CA GLY A 75 21.58 -19.73 1.88
C GLY A 75 22.35 -19.88 3.18
N GLY A 76 21.66 -19.80 4.30
CA GLY A 76 22.30 -19.88 5.60
C GLY A 76 21.74 -18.82 6.53
N HIS A 77 22.30 -18.74 7.74
CA HIS A 77 21.72 -17.95 8.80
C HIS A 77 22.55 -16.72 9.16
N LYS A 78 23.79 -16.66 8.67
CA LYS A 78 24.74 -15.66 9.16
C LYS A 78 24.40 -14.23 8.80
N VAL A 79 23.79 -14.02 7.64
CA VAL A 79 23.42 -12.65 7.26
C VAL A 79 22.21 -12.14 8.09
N ALA A 80 21.12 -12.91 8.14
CA ALA A 80 19.97 -12.57 9.00
C ALA A 80 20.37 -12.29 10.46
N ASP A 81 21.25 -13.14 11.01
CA ASP A 81 21.80 -12.88 12.34
C ASP A 81 22.56 -11.56 12.43
N TYR A 82 23.44 -11.31 11.46
CA TYR A 82 24.20 -10.05 11.48
C TYR A 82 23.22 -8.86 11.49
N CYS A 83 22.21 -8.92 10.62
CA CYS A 83 21.15 -7.89 10.56
C CYS A 83 20.47 -7.73 11.93
N ARG A 84 20.15 -8.85 12.56
CA ARG A 84 19.54 -8.81 13.89
C ARG A 84 20.46 -8.06 14.84
N ASP A 85 21.75 -8.38 14.82
CA ASP A 85 22.71 -7.80 15.77
C ASP A 85 23.08 -6.34 15.50
N ARG A 86 22.99 -5.90 14.25
CA ARG A 86 23.64 -4.65 13.82
C ARG A 86 22.77 -3.60 13.13
N LEU A 87 21.75 -4.04 12.39
N LEU A 87 21.76 -4.06 12.39
CA LEU A 87 21.06 -3.12 11.49
CA LEU A 87 20.99 -3.17 11.51
C LEU A 87 20.46 -1.88 12.20
C LEU A 87 20.49 -1.92 12.22
N HIS A 88 19.79 -2.08 13.33
CA HIS A 88 19.20 -0.93 14.03
C HIS A 88 20.26 0.05 14.55
N PHE A 89 21.42 -0.47 14.97
CA PHE A 89 22.55 0.38 15.38
C PHE A 89 23.10 1.18 14.20
N ALA A 90 23.23 0.53 13.05
CA ALA A 90 23.63 1.21 11.83
C ALA A 90 22.64 2.32 11.48
N LEU A 91 21.35 2.03 11.66
CA LEU A 91 20.30 3.01 11.34
C LEU A 91 20.39 4.21 12.29
N ALA A 92 20.61 3.94 13.57
CA ALA A 92 20.75 5.03 14.54
C ALA A 92 21.97 5.90 14.23
N GLU A 93 23.05 5.29 13.75
CA GLU A 93 24.21 6.09 13.30
C GLU A 93 23.81 7.03 12.17
N GLU A 94 23.02 6.53 11.25
CA GLU A 94 22.67 7.27 10.05
C GLU A 94 21.69 8.41 10.38
N ILE A 95 20.76 8.15 11.28
CA ILE A 95 19.80 9.17 11.71
C ILE A 95 20.55 10.31 12.38
N GLU A 96 21.51 9.97 13.23
CA GLU A 96 22.33 10.96 13.91
C GLU A 96 23.07 11.84 12.91
N ARG A 97 23.57 11.24 11.84
CA ARG A 97 24.23 12.01 10.79
C ARG A 97 23.28 13.02 10.17
N ILE A 98 22.18 12.53 9.61
CA ILE A 98 21.23 13.42 8.94
C ILE A 98 20.65 14.46 9.89
N LYS A 99 20.45 14.08 11.15
CA LYS A 99 19.93 14.96 12.17
C LYS A 99 20.83 16.18 12.36
N ASP A 100 22.13 15.95 12.28
CA ASP A 100 23.10 17.02 12.44
C ASP A 100 23.16 17.94 11.23
N GLU A 101 23.03 17.36 10.03
CA GLU A 101 23.00 18.17 8.83
C GLU A 101 21.74 19.03 8.77
N LEU A 102 20.62 18.45 9.16
CA LEU A 102 19.35 19.16 9.14
C LEU A 102 19.30 20.31 10.14
N SER A 103 20.10 20.19 11.20
CA SER A 103 20.20 21.24 12.20
C SER A 103 20.98 22.43 11.65
N LYS A 104 21.84 22.16 10.68
CA LYS A 104 22.70 23.19 10.11
C LYS A 104 22.16 23.76 8.80
N ARG A 105 21.81 22.87 7.88
CA ARG A 105 21.26 23.29 6.60
C ARG A 105 19.85 22.74 6.45
N ASN A 106 19.16 23.19 5.41
CA ASN A 106 17.82 22.70 5.12
C ASN A 106 17.44 22.90 3.68
N THR A 107 17.32 21.79 2.95
CA THR A 107 16.86 21.84 1.58
C THR A 107 15.34 21.76 1.59
N GLY A 108 14.75 21.59 0.42
CA GLY A 108 13.30 21.43 0.33
C GLY A 108 12.93 19.97 0.34
N GLU A 109 13.85 19.14 0.81
CA GLU A 109 13.67 17.69 0.81
C GLU A 109 12.37 17.25 1.47
N GLY A 110 11.51 16.62 0.69
CA GLY A 110 10.33 15.99 1.25
C GLY A 110 10.72 14.97 2.29
N ARG A 111 9.77 14.65 3.17
N ARG A 111 9.77 14.62 3.16
CA ARG A 111 10.00 13.65 4.20
CA ARG A 111 10.02 13.65 4.20
C ARG A 111 10.36 12.29 3.60
C ARG A 111 10.33 12.26 3.65
N GLN A 112 9.57 11.82 2.64
CA GLN A 112 9.83 10.52 2.06
C GLN A 112 11.25 10.47 1.51
N VAL A 113 11.70 11.55 0.90
CA VAL A 113 13.07 11.61 0.36
C VAL A 113 14.15 11.55 1.45
N GLN A 114 13.89 12.21 2.59
CA GLN A 114 14.80 12.14 3.73
C GLN A 114 14.98 10.70 4.24
N TRP A 115 13.87 10.00 4.45
CA TRP A 115 13.90 8.66 5.01
C TRP A 115 14.50 7.68 4.03
N ASP A 116 14.27 7.94 2.75
CA ASP A 116 14.88 7.22 1.67
C ASP A 116 16.40 7.17 1.77
N LYS A 117 17.01 8.34 1.95
CA LYS A 117 18.47 8.41 1.99
C LYS A 117 19.02 7.82 3.27
N VAL A 118 18.29 7.99 4.38
CA VAL A 118 18.71 7.40 5.64
C VAL A 118 18.73 5.88 5.57
N PHE A 119 17.66 5.29 5.05
CA PHE A 119 17.61 3.83 4.98
C PHE A 119 18.50 3.23 3.89
N THR A 120 18.65 3.94 2.78
CA THR A 120 19.53 3.47 1.73
C THR A 120 20.98 3.39 2.23
N SER A 121 21.44 4.42 2.93
CA SER A 121 22.79 4.42 3.46
C SER A 121 22.97 3.32 4.48
N CYS A 122 21.96 3.16 5.32
CA CYS A 122 22.01 2.18 6.40
C CYS A 122 22.05 0.73 5.88
N PHE A 123 21.22 0.43 4.89
CA PHE A 123 21.18 -0.92 4.33
C PHE A 123 22.48 -1.27 3.59
N LEU A 124 23.00 -0.28 2.86
CA LEU A 124 24.25 -0.41 2.13
C LEU A 124 25.43 -0.57 3.08
N THR A 125 25.40 0.16 4.19
CA THR A 125 26.47 0.05 5.19
C THR A 125 26.50 -1.38 5.74
N VAL A 126 25.34 -1.89 6.12
CA VAL A 126 25.30 -3.25 6.65
C VAL A 126 25.81 -4.26 5.61
N ASP A 127 25.41 -4.04 4.35
CA ASP A 127 25.80 -4.90 3.25
C ASP A 127 27.31 -4.88 2.95
N GLY A 128 27.91 -3.70 2.99
CA GLY A 128 29.34 -3.58 2.76
C GLY A 128 30.13 -4.20 3.91
N GLU A 129 29.63 -4.05 5.12
CA GLU A 129 30.26 -4.69 6.28
C GLU A 129 30.28 -6.21 6.14
N ILE A 130 29.13 -6.75 5.73
CA ILE A 130 28.97 -8.20 5.52
C ILE A 130 29.94 -8.74 4.45
N GLU A 131 30.16 -7.93 3.43
CA GLU A 131 30.99 -8.33 2.28
C GLU A 131 32.47 -8.15 2.59
N GLY A 132 32.78 -7.50 3.71
CA GLY A 132 34.15 -7.21 4.07
C GLY A 132 34.74 -6.01 3.34
N LYS A 133 33.90 -5.09 2.86
CA LYS A 133 34.38 -3.89 2.17
C LYS A 133 34.39 -2.65 3.07
N ILE A 134 33.68 -2.73 4.20
CA ILE A 134 33.57 -1.61 5.10
C ILE A 134 34.06 -2.06 6.45
N GLY A 135 34.87 -1.22 7.10
CA GLY A 135 35.41 -1.58 8.41
C GLY A 135 34.31 -1.68 9.45
N ARG A 136 34.33 -2.74 10.25
CA ARG A 136 33.27 -2.94 11.23
C ARG A 136 33.79 -3.18 12.64
N ALA A 137 33.12 -2.58 13.61
CA ALA A 137 33.44 -2.76 15.01
C ALA A 137 32.96 -4.12 15.50
N VAL A 138 33.70 -4.71 16.41
CA VAL A 138 33.31 -5.96 17.06
C VAL A 138 32.95 -5.69 18.53
N VAL A 139 31.85 -6.24 19.01
CA VAL A 139 31.50 -6.05 20.42
C VAL A 139 32.66 -6.47 21.33
N GLY A 140 32.99 -5.61 22.28
CA GLY A 140 34.05 -5.91 23.24
C GLY A 140 35.45 -5.46 22.82
N SER A 141 35.62 -5.25 21.52
CA SER A 141 36.94 -4.93 20.99
C SER A 141 37.08 -3.47 20.64
N SER A 142 38.28 -2.92 20.87
CA SER A 142 38.58 -1.55 20.51
C SER A 142 38.94 -1.45 19.03
N ASP A 143 39.18 -2.59 18.40
CA ASP A 143 39.70 -2.64 17.04
C ASP A 143 38.66 -2.98 15.97
N LYS A 144 38.66 -2.23 14.87
CA LYS A 144 37.82 -2.50 13.72
C LYS A 144 38.46 -3.50 12.77
N VAL A 145 37.63 -4.31 12.13
CA VAL A 145 38.13 -5.31 11.20
C VAL A 145 37.50 -5.14 9.83
N LEU A 146 38.26 -5.52 8.82
CA LEU A 146 37.79 -5.58 7.46
C LEU A 146 37.72 -7.05 7.06
N GLU A 147 36.52 -7.64 7.16
CA GLU A 147 36.38 -9.08 6.96
C GLU A 147 34.93 -9.50 6.73
N ALA A 148 34.71 -10.33 5.72
CA ALA A 148 33.37 -10.83 5.41
C ALA A 148 32.71 -11.53 6.60
N VAL A 149 31.44 -11.25 6.85
CA VAL A 149 30.78 -11.96 7.94
C VAL A 149 30.20 -13.31 7.47
N ALA A 150 30.09 -13.49 6.16
CA ALA A 150 29.48 -14.72 5.63
C ALA A 150 29.96 -14.96 4.21
N SER A 151 29.74 -16.18 3.73
CA SER A 151 30.22 -16.55 2.41
C SER A 151 29.30 -15.92 1.36
N GLU A 152 29.76 -15.92 0.11
CA GLU A 152 29.12 -15.18 -0.96
C GLU A 152 27.71 -15.64 -1.31
N THR A 153 27.32 -16.83 -0.84
CA THR A 153 26.01 -17.36 -1.18
C THR A 153 24.96 -17.14 -0.09
N VAL A 154 25.31 -16.43 0.97
CA VAL A 154 24.37 -16.22 2.07
C VAL A 154 23.76 -14.82 1.99
N GLY A 155 22.45 -14.72 2.23
CA GLY A 155 21.81 -13.42 2.16
C GLY A 155 20.63 -13.39 3.11
N SER A 156 19.93 -12.26 3.13
CA SER A 156 18.68 -12.14 3.88
C SER A 156 17.81 -11.02 3.35
N THR A 157 16.49 -11.17 3.48
CA THR A 157 15.59 -10.04 3.30
C THR A 157 15.69 -9.19 4.54
N ALA A 158 15.09 -8.02 4.48
CA ALA A 158 15.02 -7.17 5.65
C ALA A 158 13.77 -6.33 5.49
N VAL A 159 12.85 -6.47 6.43
CA VAL A 159 11.73 -5.56 6.51
C VAL A 159 11.79 -4.91 7.88
N VAL A 160 11.84 -3.58 7.89
N VAL A 160 11.79 -3.57 7.88
CA VAL A 160 11.94 -2.86 9.15
CA VAL A 160 11.97 -2.81 9.10
C VAL A 160 10.87 -1.77 9.27
C VAL A 160 10.88 -1.74 9.26
N ALA A 161 10.41 -1.55 10.49
CA ALA A 161 9.42 -0.53 10.79
C ALA A 161 9.85 0.30 11.98
N LEU A 162 9.80 1.62 11.82
CA LEU A 162 9.94 2.58 12.89
C LEU A 162 8.53 3.04 13.23
N VAL A 163 8.14 2.97 14.49
CA VAL A 163 6.83 3.45 14.89
C VAL A 163 7.01 4.55 15.92
N CYS A 164 6.27 5.63 15.74
CA CYS A 164 6.20 6.68 16.74
C CYS A 164 4.74 7.14 16.79
N SER A 165 4.46 8.19 17.53
CA SER A 165 3.09 8.58 17.78
C SER A 165 2.39 9.02 16.51
N SER A 166 3.12 9.70 15.62
CA SER A 166 2.51 10.28 14.42
C SER A 166 2.62 9.45 13.14
N HIS A 167 3.63 8.58 13.09
CA HIS A 167 3.98 7.95 11.82
C HIS A 167 4.48 6.51 11.96
N ILE A 168 4.34 5.77 10.87
CA ILE A 168 5.02 4.49 10.72
C ILE A 168 5.91 4.68 9.49
N VAL A 169 7.19 4.32 9.62
CA VAL A 169 8.08 4.32 8.48
C VAL A 169 8.58 2.89 8.27
N VAL A 170 8.41 2.39 7.07
CA VAL A 170 8.82 1.03 6.75
C VAL A 170 9.87 1.04 5.66
N SER A 171 10.96 0.33 5.87
CA SER A 171 12.00 0.18 4.86
C SER A 171 12.10 -1.30 4.49
N ASN A 172 12.01 -1.60 3.20
CA ASN A 172 11.90 -2.99 2.80
C ASN A 172 12.91 -3.39 1.75
N CYS A 173 13.53 -4.55 1.94
CA CYS A 173 14.46 -5.09 0.95
C CYS A 173 14.22 -6.58 0.84
N GLY A 174 13.49 -7.00 -0.18
CA GLY A 174 13.21 -8.42 -0.35
C GLY A 174 11.72 -8.68 -0.43
N ASP A 175 11.33 -9.91 -0.08
CA ASP A 175 9.93 -10.32 -0.17
C ASP A 175 9.32 -10.69 1.17
N SER A 176 9.99 -10.32 2.26
CA SER A 176 9.30 -10.22 3.53
C SER A 176 8.36 -9.01 3.42
N ARG A 177 7.53 -8.77 4.43
CA ARG A 177 6.39 -7.85 4.21
C ARG A 177 5.93 -7.22 5.50
N ALA A 178 5.50 -5.97 5.42
CA ALA A 178 4.85 -5.31 6.56
C ALA A 178 3.45 -4.93 6.12
N VAL A 179 2.45 -5.23 6.95
CA VAL A 179 1.07 -4.97 6.60
C VAL A 179 0.35 -4.25 7.75
N LEU A 180 -0.27 -3.13 7.40
CA LEU A 180 -1.05 -2.32 8.34
C LEU A 180 -2.54 -2.64 8.19
N PHE A 181 -3.23 -2.83 9.32
CA PHE A 181 -4.69 -3.02 9.29
C PHE A 181 -5.32 -1.68 9.63
N ARG A 182 -5.93 -1.01 8.65
CA ARG A 182 -6.57 0.28 8.91
C ARG A 182 -8.07 0.14 8.67
N GLY A 183 -8.85 0.39 9.70
CA GLY A 183 -10.29 0.21 9.58
C GLY A 183 -10.53 -1.26 9.35
N LYS A 184 -11.14 -1.61 8.23
CA LYS A 184 -11.36 -3.02 7.91
C LYS A 184 -10.51 -3.54 6.75
N GLU A 185 -9.49 -2.78 6.35
CA GLU A 185 -8.68 -3.14 5.18
C GLU A 185 -7.18 -3.33 5.46
N ALA A 186 -6.63 -4.43 4.98
CA ALA A 186 -5.20 -4.64 5.00
C ALA A 186 -4.58 -3.60 4.08
N MET A 187 -3.49 -3.01 4.51
CA MET A 187 -2.73 -2.11 3.64
C MET A 187 -1.26 -2.47 3.72
N PRO A 188 -0.74 -3.20 2.73
CA PRO A 188 0.68 -3.56 2.79
C PRO A 188 1.50 -2.28 2.76
N LEU A 189 2.54 -2.19 3.58
CA LEU A 189 3.38 -0.98 3.59
C LEU A 189 4.70 -1.23 2.88
N SER A 190 4.80 -2.35 2.18
CA SER A 190 5.98 -2.64 1.35
C SER A 190 5.51 -3.36 0.11
N VAL A 191 6.28 -3.25 -0.97
CA VAL A 191 6.00 -3.97 -2.20
C VAL A 191 7.11 -5.00 -2.43
N ASP A 192 6.75 -6.28 -2.51
CA ASP A 192 7.74 -7.35 -2.64
C ASP A 192 8.70 -7.06 -3.79
N HIS A 193 10.00 -7.23 -3.53
CA HIS A 193 11.00 -7.13 -4.59
C HIS A 193 11.12 -8.49 -5.30
N LYS A 194 10.37 -8.65 -6.38
CA LYS A 194 10.34 -9.90 -7.14
C LYS A 194 10.71 -9.60 -8.58
N PRO A 195 11.42 -10.52 -9.23
CA PRO A 195 11.96 -10.33 -10.57
C PRO A 195 10.88 -10.13 -11.65
N ASP A 196 9.65 -10.55 -11.40
CA ASP A 196 8.62 -10.31 -12.43
C ASP A 196 8.02 -8.90 -12.39
N ARG A 197 8.44 -8.07 -11.43
CA ARG A 197 8.15 -6.64 -11.49
C ARG A 197 8.91 -6.08 -12.70
N GLU A 198 8.24 -5.30 -13.53
CA GLU A 198 8.82 -4.85 -14.79
C GLU A 198 10.03 -4.00 -14.57
N ASP A 199 9.98 -3.10 -13.59
CA ASP A 199 11.16 -2.32 -13.23
C ASP A 199 12.36 -3.22 -12.84
N GLU A 200 12.12 -4.22 -12.01
CA GLU A 200 13.20 -5.12 -11.58
C GLU A 200 13.73 -5.98 -12.73
N TYR A 201 12.81 -6.50 -13.53
CA TYR A 201 13.19 -7.32 -14.67
C TYR A 201 14.15 -6.54 -15.57
N ALA A 202 13.78 -5.29 -15.90
CA ALA A 202 14.59 -4.45 -16.76
C ALA A 202 15.90 -4.06 -16.11
N ARG A 203 15.88 -3.80 -14.80
CA ARG A 203 17.11 -3.47 -14.11
C ARG A 203 18.08 -4.64 -14.26
N ILE A 204 17.58 -5.84 -13.97
CA ILE A 204 18.41 -7.04 -14.02
C ILE A 204 18.93 -7.35 -15.43
N GLU A 205 18.02 -7.39 -16.39
CA GLU A 205 18.39 -7.70 -17.78
C GLU A 205 19.33 -6.67 -18.38
N ASN A 206 19.11 -5.38 -18.07
CA ASN A 206 19.99 -4.31 -18.55
C ASN A 206 21.39 -4.37 -17.92
N ALA A 207 21.49 -5.00 -16.77
CA ALA A 207 22.79 -5.16 -16.11
C ALA A 207 23.50 -6.42 -16.61
N GLY A 208 22.85 -7.16 -17.50
CA GLY A 208 23.45 -8.34 -18.09
C GLY A 208 23.06 -9.65 -17.42
N GLY A 209 22.09 -9.60 -16.52
CA GLY A 209 21.60 -10.79 -15.85
C GLY A 209 20.42 -11.46 -16.52
N LYS A 210 20.00 -12.60 -15.97
CA LYS A 210 18.90 -13.37 -16.53
C LYS A 210 17.81 -13.57 -15.50
N VAL A 211 16.57 -13.38 -15.90
CA VAL A 211 15.47 -13.76 -15.05
C VAL A 211 14.88 -14.99 -15.68
N ILE A 212 14.77 -16.06 -14.90
CA ILE A 212 14.39 -17.34 -15.44
C ILE A 212 13.22 -17.94 -14.69
N GLN A 213 12.26 -18.47 -15.42
CA GLN A 213 11.11 -19.12 -14.81
C GLN A 213 11.48 -20.51 -14.34
N TRP A 214 11.48 -20.67 -13.02
CA TRP A 214 11.92 -21.91 -12.39
C TRP A 214 11.32 -21.99 -10.99
N GLN A 215 10.11 -22.51 -10.90
CA GLN A 215 9.35 -22.48 -9.66
C GLN A 215 9.21 -21.01 -9.24
N GLY A 216 8.71 -20.19 -10.17
CA GLY A 216 8.58 -18.76 -10.00
C GLY A 216 9.72 -18.06 -10.71
N ALA A 217 9.56 -16.76 -10.98
CA ALA A 217 10.62 -16.00 -11.64
C ALA A 217 11.79 -15.84 -10.69
N ARG A 218 12.98 -16.22 -11.16
CA ARG A 218 14.16 -16.24 -10.30
C ARG A 218 15.35 -15.63 -10.99
N VAL A 219 16.18 -14.92 -10.21
CA VAL A 219 17.42 -14.38 -10.72
C VAL A 219 18.38 -15.55 -11.06
N PHE A 220 18.72 -15.69 -12.34
CA PHE A 220 19.48 -16.86 -12.81
C PHE A 220 18.85 -18.21 -12.40
N GLY A 221 17.54 -18.20 -12.17
CA GLY A 221 16.82 -19.40 -11.78
C GLY A 221 17.00 -19.77 -10.33
N VAL A 222 17.85 -19.04 -9.63
CA VAL A 222 18.21 -19.35 -8.25
C VAL A 222 17.32 -18.67 -7.20
N LEU A 223 17.38 -17.34 -7.16
CA LEU A 223 16.73 -16.55 -6.10
C LEU A 223 15.42 -15.93 -6.56
N ALA A 224 14.38 -16.09 -5.72
CA ALA A 224 13.03 -15.63 -6.03
C ALA A 224 12.80 -14.16 -5.68
N MET A 225 13.79 -13.52 -5.06
CA MET A 225 13.72 -12.09 -4.80
C MET A 225 14.79 -11.34 -5.59
N SER A 226 14.52 -10.08 -5.93
CA SER A 226 15.44 -9.31 -6.77
C SER A 226 16.27 -8.36 -5.93
N ARG A 227 15.98 -8.29 -4.64
CA ARG A 227 16.82 -7.50 -3.74
C ARG A 227 16.98 -8.22 -2.43
N SER A 228 18.13 -8.01 -1.79
N SER A 228 18.06 -7.98 -1.85
N SER A 228 18.12 -7.99 -1.78
CA SER A 228 18.37 -8.51 -0.44
CA SER A 228 18.30 -8.47 -0.50
CA SER A 228 18.44 -8.58 -0.50
C SER A 228 19.71 -8.00 0.05
C SER A 228 19.64 -7.97 -0.01
C SER A 228 19.74 -8.02 0.04
N ILE A 229 19.98 -8.24 1.32
CA ILE A 229 21.25 -7.90 1.96
C ILE A 229 22.18 -9.10 1.81
N GLY A 230 23.41 -8.90 1.37
CA GLY A 230 24.31 -10.02 1.15
C GLY A 230 24.24 -10.52 -0.28
N ASP A 231 24.34 -11.83 -0.46
CA ASP A 231 24.27 -12.45 -1.79
C ASP A 231 25.22 -11.87 -2.80
N ARG A 232 26.45 -11.58 -2.39
CA ARG A 232 27.39 -11.02 -3.35
C ARG A 232 27.56 -11.89 -4.60
N TYR A 233 27.36 -13.20 -4.49
CA TYR A 233 27.50 -14.04 -5.69
C TYR A 233 26.58 -13.60 -6.83
N LEU A 234 25.49 -12.92 -6.49
CA LEU A 234 24.53 -12.50 -7.50
C LEU A 234 24.44 -10.97 -7.67
N LYS A 235 25.41 -10.24 -7.11
CA LYS A 235 25.55 -8.82 -7.39
C LYS A 235 26.10 -8.68 -8.81
N PRO A 236 25.76 -7.61 -9.52
CA PRO A 236 24.88 -6.48 -9.18
C PRO A 236 23.43 -6.73 -9.61
N TYR A 237 23.07 -7.99 -9.75
CA TYR A 237 21.71 -8.33 -10.16
C TYR A 237 20.74 -8.21 -8.97
N VAL A 238 21.05 -8.85 -7.85
CA VAL A 238 20.31 -8.56 -6.63
C VAL A 238 21.09 -7.51 -5.84
N ILE A 239 20.39 -6.47 -5.38
CA ILE A 239 21.02 -5.34 -4.73
C ILE A 239 20.42 -5.09 -3.34
N PRO A 240 21.17 -4.46 -2.44
CA PRO A 240 20.69 -4.23 -1.07
C PRO A 240 19.89 -2.93 -0.88
N GLU A 241 19.47 -2.28 -1.96
CA GLU A 241 18.77 -1.00 -1.88
C GLU A 241 17.29 -1.17 -1.53
N PRO A 242 16.86 -0.60 -0.40
CA PRO A 242 15.47 -0.74 0.07
C PRO A 242 14.53 0.27 -0.60
N GLU A 243 13.24 0.02 -0.49
CA GLU A 243 12.24 1.04 -0.77
C GLU A 243 11.55 1.41 0.53
N VAL A 244 11.31 2.69 0.71
CA VAL A 244 10.78 3.21 1.96
C VAL A 244 9.36 3.76 1.82
N THR A 245 8.51 3.41 2.78
CA THR A 245 7.13 3.90 2.84
C THR A 245 6.95 4.82 4.05
N PHE A 246 6.48 6.03 3.81
CA PHE A 246 6.29 6.99 4.90
C PHE A 246 4.77 7.10 5.13
N MET A 247 4.31 6.74 6.32
CA MET A 247 2.87 6.52 6.51
C MET A 247 2.32 7.22 7.76
N PRO A 248 1.66 8.38 7.59
CA PRO A 248 1.04 9.00 8.76
C PRO A 248 0.05 8.01 9.39
N ARG A 249 0.05 7.94 10.71
CA ARG A 249 -0.88 7.08 11.42
C ARG A 249 -2.32 7.62 11.37
N SER A 250 -3.28 6.79 11.77
CA SER A 250 -4.70 7.15 11.80
C SER A 250 -5.39 6.58 13.05
N ARG A 251 -6.41 7.28 13.55
CA ARG A 251 -7.20 6.75 14.66
C ARG A 251 -7.83 5.39 14.30
N GLU A 252 -8.06 5.14 13.02
CA GLU A 252 -8.63 3.87 12.56
C GLU A 252 -7.65 2.70 12.54
N ASP A 253 -6.36 2.97 12.75
CA ASP A 253 -5.41 1.87 12.66
C ASP A 253 -5.59 0.88 13.78
N GLU A 254 -5.46 -0.39 13.45
CA GLU A 254 -5.67 -1.44 14.42
C GLU A 254 -4.37 -2.12 14.83
N CYS A 255 -3.58 -2.57 13.86
CA CYS A 255 -2.35 -3.26 14.18
C CYS A 255 -1.45 -3.31 12.97
N LEU A 256 -0.18 -3.60 13.21
CA LEU A 256 0.82 -3.66 12.17
C LEU A 256 1.51 -5.01 12.31
N ILE A 257 1.68 -5.72 11.21
CA ILE A 257 2.31 -7.03 11.26
C ILE A 257 3.53 -7.12 10.33
N LEU A 258 4.66 -7.58 10.85
CA LEU A 258 5.86 -7.84 10.05
C LEU A 258 6.11 -9.32 10.08
N ALA A 259 6.44 -9.90 8.93
CA ALA A 259 6.62 -11.34 8.88
C ALA A 259 7.43 -11.81 7.69
N SER A 260 8.13 -12.92 7.88
CA SER A 260 8.84 -13.60 6.81
C SER A 260 7.81 -14.35 5.98
N ASP A 261 8.26 -14.98 4.90
CA ASP A 261 7.32 -15.64 3.99
C ASP A 261 6.80 -17.00 4.48
N GLY A 262 7.27 -17.45 5.64
CA GLY A 262 6.69 -18.62 6.29
C GLY A 262 5.22 -18.41 6.64
N LEU A 263 4.86 -17.14 6.83
CA LEU A 263 3.48 -16.76 7.06
C LEU A 263 2.79 -16.44 5.72
N TRP A 264 3.34 -15.50 4.96
CA TRP A 264 2.68 -14.98 3.76
C TRP A 264 2.47 -16.01 2.64
N ASP A 265 3.31 -17.03 2.56
CA ASP A 265 3.11 -18.08 1.56
C ASP A 265 1.81 -18.86 1.76
N VAL A 266 1.24 -18.84 2.96
CA VAL A 266 0.06 -19.68 3.21
C VAL A 266 -1.19 -18.90 3.67
N MET A 267 -1.06 -17.60 3.90
CA MET A 267 -2.24 -16.75 4.19
C MET A 267 -2.08 -15.39 3.53
N ASN A 268 -3.19 -14.79 3.09
CA ASN A 268 -3.11 -13.46 2.50
C ASN A 268 -3.12 -12.36 3.57
N ASN A 269 -2.83 -11.13 3.13
CA ASN A 269 -2.74 -9.98 4.01
C ASN A 269 -4.03 -9.72 4.81
N GLN A 270 -5.17 -9.78 4.12
CA GLN A 270 -6.47 -9.50 4.75
C GLN A 270 -6.82 -10.49 5.86
N GLU A 271 -6.55 -11.77 5.64
CA GLU A 271 -6.93 -12.74 6.65
C GLU A 271 -5.99 -12.67 7.86
N VAL A 272 -4.70 -12.40 7.61
CA VAL A 272 -3.75 -12.21 8.70
C VAL A 272 -4.16 -11.05 9.61
N CYS A 273 -4.44 -9.90 9.02
CA CYS A 273 -4.87 -8.74 9.81
C CYS A 273 -6.14 -9.02 10.60
N GLU A 274 -7.13 -9.61 9.94
CA GLU A 274 -8.42 -9.89 10.56
C GLU A 274 -8.24 -10.84 11.74
N ILE A 275 -7.37 -11.82 11.56
CA ILE A 275 -7.08 -12.77 12.62
C ILE A 275 -6.33 -12.11 13.76
N ALA A 276 -5.31 -11.31 13.45
CA ALA A 276 -4.55 -10.64 14.51
C ALA A 276 -5.47 -9.77 15.35
N ARG A 277 -6.23 -8.89 14.70
CA ARG A 277 -7.13 -8.02 15.45
C ARG A 277 -8.08 -8.84 16.32
N ARG A 278 -8.64 -9.90 15.78
CA ARG A 278 -9.59 -10.68 16.55
C ARG A 278 -8.96 -11.30 17.81
N ARG A 279 -7.75 -11.84 17.67
CA ARG A 279 -7.10 -12.45 18.82
C ARG A 279 -6.69 -11.41 19.86
N ILE A 280 -6.32 -10.22 19.41
CA ILE A 280 -5.97 -9.15 20.34
C ILE A 280 -7.22 -8.76 21.16
N LEU A 281 -8.32 -8.56 20.45
CA LEU A 281 -9.59 -8.23 21.09
C LEU A 281 -10.07 -9.32 22.05
N MET A 282 -10.03 -10.58 21.62
CA MET A 282 -10.40 -11.68 22.51
C MET A 282 -9.57 -11.66 23.80
N TRP A 283 -8.28 -11.34 23.69
CA TRP A 283 -7.47 -11.28 24.91
C TRP A 283 -8.01 -10.21 25.87
N HIS A 284 -8.33 -9.03 25.34
CA HIS A 284 -8.82 -7.95 26.20
C HIS A 284 -10.21 -8.20 26.81
N LYS A 285 -11.07 -8.93 26.10
CA LYS A 285 -12.38 -9.29 26.66
C LYS A 285 -12.26 -10.21 27.87
N LYS A 286 -11.17 -10.96 27.95
CA LYS A 286 -11.02 -11.96 28.99
C LYS A 286 -9.88 -11.70 29.98
N ASN A 287 -9.28 -10.52 29.88
CA ASN A 287 -8.16 -10.18 30.77
C ASN A 287 -8.24 -8.74 31.25
N GLY A 288 -7.82 -8.51 32.48
CA GLY A 288 -7.74 -7.16 33.00
C GLY A 288 -6.56 -6.45 32.38
N ALA A 289 -6.70 -5.16 32.13
CA ALA A 289 -5.61 -4.38 31.56
C ALA A 289 -4.35 -4.56 32.39
N PRO A 290 -3.22 -4.76 31.73
CA PRO A 290 -1.94 -4.93 32.43
C PRO A 290 -1.56 -3.67 33.19
N PRO A 291 -0.75 -3.81 34.22
CA PRO A 291 -0.31 -2.66 35.03
C PRO A 291 0.33 -1.60 34.14
N LEU A 292 -0.21 -0.39 34.17
CA LEU A 292 0.24 0.69 33.31
C LEU A 292 1.76 0.89 33.34
N ALA A 293 2.34 0.77 34.52
CA ALA A 293 3.77 1.02 34.71
C ALA A 293 4.65 0.06 33.92
N GLU A 294 4.28 -1.22 33.94
CA GLU A 294 5.08 -2.25 33.31
C GLU A 294 4.77 -2.40 31.83
N ARG A 295 3.84 -1.60 31.33
CA ARG A 295 3.44 -1.67 29.93
C ARG A 295 4.45 -1.00 29.02
N GLY A 296 4.90 -1.73 28.00
CA GLY A 296 5.87 -1.20 27.04
C GLY A 296 7.30 -1.56 27.41
N LYS A 297 7.46 -2.37 28.45
CA LYS A 297 8.77 -2.80 28.93
C LYS A 297 9.16 -4.19 28.43
N GLY A 298 8.20 -4.89 27.88
CA GLY A 298 8.41 -6.22 27.31
C GLY A 298 7.20 -6.52 26.41
N ILE A 299 7.01 -7.77 26.06
CA ILE A 299 5.95 -8.12 25.15
C ILE A 299 4.57 -7.88 25.77
N ASP A 300 3.64 -7.50 24.91
CA ASP A 300 2.23 -7.33 25.28
C ASP A 300 1.55 -8.68 25.13
N PRO A 301 0.90 -9.18 26.20
CA PRO A 301 0.29 -10.53 26.10
C PRO A 301 -0.77 -10.66 25.00
N ALA A 302 -1.59 -9.64 24.77
CA ALA A 302 -2.56 -9.69 23.69
C ALA A 302 -1.86 -9.89 22.32
N CYS A 303 -0.85 -9.07 22.07
CA CYS A 303 -0.07 -9.20 20.83
C CYS A 303 0.63 -10.55 20.73
N GLN A 304 1.18 -11.03 21.85
CA GLN A 304 1.85 -12.33 21.84
C GLN A 304 0.86 -13.46 21.52
N ALA A 305 -0.35 -13.40 22.06
CA ALA A 305 -1.37 -14.40 21.75
C ALA A 305 -1.67 -14.35 20.26
N ALA A 306 -1.84 -13.14 19.73
CA ALA A 306 -2.07 -12.99 18.30
C ALA A 306 -0.93 -13.59 17.44
N ALA A 307 0.33 -13.29 17.76
CA ALA A 307 1.46 -13.85 16.98
C ALA A 307 1.54 -15.38 17.13
N ASP A 308 1.31 -15.86 18.35
CA ASP A 308 1.27 -17.30 18.60
C ASP A 308 0.19 -17.99 17.74
N TYR A 309 -1.03 -17.48 17.79
CA TYR A 309 -2.12 -18.08 17.04
C TYR A 309 -1.80 -18.09 15.54
N LEU A 310 -1.25 -16.98 15.02
CA LEU A 310 -0.91 -16.93 13.60
C LEU A 310 0.14 -17.97 13.21
N SER A 311 1.14 -18.18 14.07
CA SER A 311 2.15 -19.19 13.72
C SER A 311 1.55 -20.60 13.71
N MET A 312 0.66 -20.87 14.66
N MET A 312 0.66 -20.87 14.66
CA MET A 312 0.01 -22.18 14.73
CA MET A 312 0.00 -22.18 14.74
C MET A 312 -0.83 -22.42 13.48
C MET A 312 -0.84 -22.42 13.50
N LEU A 313 -1.59 -21.40 13.10
CA LEU A 313 -2.43 -21.47 11.92
C LEU A 313 -1.58 -21.72 10.69
N ALA A 314 -0.46 -21.01 10.58
CA ALA A 314 0.43 -21.16 9.42
C ALA A 314 0.93 -22.59 9.30
N LEU A 315 1.35 -23.17 10.43
CA LEU A 315 1.79 -24.56 10.44
C LEU A 315 0.63 -25.48 10.04
N GLN A 316 -0.52 -25.23 10.64
CA GLN A 316 -1.76 -25.95 10.32
C GLN A 316 -1.99 -25.98 8.81
N LYS A 317 -1.67 -24.88 8.14
CA LYS A 317 -1.94 -24.76 6.72
C LYS A 317 -0.80 -25.28 5.85
N GLY A 318 0.16 -25.97 6.46
CA GLY A 318 1.19 -26.65 5.70
C GLY A 318 2.46 -25.89 5.41
N SER A 319 2.62 -24.72 6.02
CA SER A 319 3.87 -23.97 5.86
C SER A 319 5.06 -24.87 6.19
N LYS A 320 5.96 -25.05 5.23
CA LYS A 320 7.16 -25.85 5.47
C LYS A 320 8.41 -24.97 5.57
N ASP A 321 8.28 -23.81 6.20
CA ASP A 321 9.37 -22.84 6.28
C ASP A 321 9.55 -22.29 7.69
N ASN A 322 10.65 -21.59 7.93
CA ASN A 322 10.77 -20.82 9.17
C ASN A 322 9.67 -19.76 9.20
N ILE A 323 9.14 -19.51 10.39
CA ILE A 323 8.04 -18.57 10.54
C ILE A 323 8.40 -17.53 11.59
N SER A 324 8.51 -16.28 11.16
CA SER A 324 8.76 -15.18 12.08
C SER A 324 7.72 -14.08 11.89
N ILE A 325 7.17 -13.64 13.00
CA ILE A 325 6.05 -12.73 12.99
C ILE A 325 6.19 -11.77 14.16
N ILE A 326 6.01 -10.49 13.87
CA ILE A 326 5.89 -9.50 14.93
C ILE A 326 4.53 -8.84 14.80
N VAL A 327 3.71 -8.94 15.85
CA VAL A 327 2.41 -8.26 15.87
C VAL A 327 2.48 -7.00 16.77
N ILE A 328 2.03 -5.87 16.23
CA ILE A 328 2.12 -4.58 16.94
C ILE A 328 0.73 -3.96 17.07
N ASP A 329 0.28 -3.69 18.30
CA ASP A 329 -1.05 -3.13 18.51
C ASP A 329 -0.99 -1.61 18.42
N LEU A 330 -1.77 -1.02 17.52
CA LEU A 330 -1.73 0.44 17.34
C LEU A 330 -2.84 1.20 18.06
N LYS A 331 -3.73 0.50 18.75
CA LYS A 331 -4.73 1.19 19.56
C LYS A 331 -4.14 1.55 20.92
N ALA A 332 -4.37 2.79 21.33
CA ALA A 332 -3.95 3.23 22.66
C ALA A 332 -4.57 2.32 23.73
N GLN A 333 -5.86 2.09 23.60
CA GLN A 333 -6.57 1.30 24.60
C GLN A 333 -7.71 0.55 23.93
N ARG A 334 -8.14 -0.52 24.55
CA ARG A 334 -9.24 -1.29 23.98
C ARG A 334 -10.29 -1.63 25.04
N LYS A 335 -11.15 -0.68 25.35
CA LYS A 335 -12.24 -0.89 26.31
C LYS A 335 -13.58 -1.20 25.64
N PHE A 336 -14.44 -1.93 26.34
CA PHE A 336 -15.72 -2.35 25.79
C PHE A 336 -16.90 -1.66 26.47
N LYS A 337 -17.35 -0.57 25.87
CA LYS A 337 -18.48 0.17 26.41
C LYS A 337 -19.77 -0.67 26.31
N THR A 338 -20.49 -0.77 27.41
CA THR A 338 -21.69 -1.58 27.47
C THR A 338 -22.67 -1.04 28.51
N ARG A 339 -23.87 -1.61 28.53
CA ARG A 339 -24.90 -1.24 29.49
C ARG A 339 -26.27 -1.10 28.83
N SER B 9 11.83 -4.84 -24.60
CA SER B 9 11.71 -3.76 -23.62
C SER B 9 10.24 -3.41 -23.34
N VAL B 10 9.85 -3.50 -22.07
CA VAL B 10 8.46 -3.25 -21.67
C VAL B 10 7.90 -1.96 -22.25
N TYR B 11 8.72 -0.91 -22.30
CA TYR B 11 8.26 0.39 -22.79
C TYR B 11 7.82 0.33 -24.26
N GLU B 12 8.26 -0.71 -24.97
CA GLU B 12 7.99 -0.83 -26.40
C GLU B 12 6.78 -1.69 -26.73
N LEU B 13 6.14 -2.25 -25.71
CA LEU B 13 5.00 -3.13 -25.95
C LEU B 13 3.72 -2.34 -26.18
N ASP B 14 2.83 -2.91 -26.99
CA ASP B 14 1.52 -2.32 -27.25
C ASP B 14 0.63 -2.52 -26.03
N CYS B 15 0.02 -1.45 -25.56
CA CYS B 15 -0.82 -1.51 -24.38
C CYS B 15 -2.29 -1.52 -24.77
N ILE B 16 -2.87 -2.71 -24.94
CA ILE B 16 -4.25 -2.84 -25.40
C ILE B 16 -5.21 -2.73 -24.22
N PRO B 17 -6.01 -1.67 -24.18
CA PRO B 17 -6.81 -1.43 -22.98
C PRO B 17 -8.01 -2.36 -22.89
N LEU B 18 -8.12 -3.06 -21.78
CA LEU B 18 -9.23 -3.98 -21.54
C LEU B 18 -9.98 -3.56 -20.28
N TRP B 19 -11.19 -3.04 -20.43
CA TRP B 19 -11.94 -2.53 -19.27
C TRP B 19 -13.44 -2.73 -19.43
N GLY B 20 -14.15 -2.67 -18.30
CA GLY B 20 -15.61 -2.73 -18.31
C GLY B 20 -16.06 -1.78 -17.23
N THR B 21 -17.30 -1.30 -17.32
CA THR B 21 -17.79 -0.29 -16.40
C THR B 21 -19.26 -0.44 -16.05
N VAL B 22 -19.58 -0.26 -14.77
N VAL B 22 -19.57 -0.21 -14.79
CA VAL B 22 -20.96 -0.09 -14.37
CA VAL B 22 -20.95 -0.10 -14.34
C VAL B 22 -21.05 1.22 -13.59
C VAL B 22 -21.08 1.19 -13.55
N SER B 23 -22.10 1.98 -13.84
CA SER B 23 -22.38 3.16 -13.04
C SER B 23 -23.89 3.30 -12.91
N ILE B 24 -24.42 2.92 -11.75
CA ILE B 24 -25.86 2.85 -11.55
C ILE B 24 -26.32 3.63 -10.33
N GLN B 25 -27.55 4.12 -10.41
CA GLN B 25 -28.15 4.89 -9.33
C GLN B 25 -28.34 4.03 -8.09
N GLY B 26 -28.66 2.75 -8.30
CA GLY B 26 -28.89 1.83 -7.20
C GLY B 26 -30.14 2.18 -6.41
N ASN B 27 -30.11 1.92 -5.12
CA ASN B 27 -31.26 2.17 -4.26
C ASN B 27 -31.19 3.55 -3.65
N ARG B 28 -31.05 4.57 -4.48
CA ARG B 28 -31.03 5.95 -4.00
C ARG B 28 -31.86 6.83 -4.92
N SER B 29 -32.43 7.90 -4.36
CA SER B 29 -33.40 8.71 -5.10
C SER B 29 -32.78 9.56 -6.21
N GLU B 30 -31.47 9.78 -6.13
CA GLU B 30 -30.77 10.56 -7.16
C GLU B 30 -29.40 9.97 -7.52
N MET B 31 -28.97 10.20 -8.76
CA MET B 31 -27.68 9.71 -9.25
C MET B 31 -26.65 10.82 -9.16
N GLU B 32 -25.59 10.61 -8.37
CA GLU B 32 -24.51 11.60 -8.27
C GLU B 32 -23.09 11.07 -8.48
N ASP B 33 -22.97 9.81 -8.90
CA ASP B 33 -21.69 9.29 -9.35
C ASP B 33 -21.53 9.67 -10.82
N ALA B 34 -20.29 9.70 -11.27
CA ALA B 34 -19.96 9.87 -12.68
C ALA B 34 -18.61 9.21 -12.90
N PHE B 35 -18.24 8.95 -14.16
CA PHE B 35 -16.98 8.28 -14.47
C PHE B 35 -16.54 8.71 -15.86
N ALA B 36 -15.25 8.55 -16.15
CA ALA B 36 -14.75 8.74 -17.51
C ALA B 36 -13.68 7.71 -17.87
N VAL B 37 -13.76 7.20 -19.08
CA VAL B 37 -12.76 6.29 -19.59
C VAL B 37 -12.31 6.83 -20.94
N SER B 38 -11.00 6.93 -21.14
CA SER B 38 -10.50 7.41 -22.42
C SER B 38 -9.28 6.63 -22.86
N PRO B 39 -9.48 5.58 -23.66
CA PRO B 39 -8.39 4.73 -24.11
C PRO B 39 -7.50 5.45 -25.13
N HIS B 40 -6.23 5.13 -25.15
CA HIS B 40 -5.27 5.80 -26.04
C HIS B 40 -5.41 7.31 -25.97
N PHE B 41 -5.71 7.82 -24.79
CA PHE B 41 -5.97 9.24 -24.66
C PHE B 41 -4.68 10.05 -24.62
N LEU B 42 -3.66 9.52 -23.95
CA LEU B 42 -2.44 10.26 -23.69
C LEU B 42 -1.21 9.76 -24.45
N LYS B 43 -0.37 10.69 -24.86
CA LYS B 43 0.99 10.38 -25.28
C LYS B 43 1.93 10.81 -24.16
N LEU B 44 2.48 9.85 -23.43
CA LEU B 44 3.28 10.18 -22.24
C LEU B 44 4.77 10.28 -22.54
N PRO B 45 5.39 11.44 -22.21
CA PRO B 45 6.83 11.56 -22.44
C PRO B 45 7.54 10.43 -21.72
N ILE B 46 8.43 9.75 -22.43
CA ILE B 46 9.08 8.57 -21.92
C ILE B 46 9.87 8.88 -20.63
N LYS B 47 10.38 10.09 -20.52
CA LYS B 47 11.09 10.50 -19.32
C LYS B 47 10.23 10.46 -18.04
N MET B 48 8.92 10.62 -18.19
CA MET B 48 8.05 10.55 -17.02
C MET B 48 7.90 9.12 -16.48
N LEU B 49 8.41 8.13 -17.21
CA LEU B 49 8.21 6.73 -16.81
C LEU B 49 9.50 5.96 -16.56
N MET B 50 10.54 6.27 -17.32
CA MET B 50 11.76 5.47 -17.31
C MET B 50 12.55 5.52 -16.00
N SER B 59 14.70 5.23 -29.92
CA SER B 59 13.61 5.49 -30.84
C SER B 59 12.30 5.73 -30.10
N LEU B 60 12.19 5.18 -28.90
CA LEU B 60 11.00 5.36 -28.07
C LEU B 60 11.01 6.72 -27.41
N THR B 61 10.04 7.54 -27.79
CA THR B 61 9.92 8.91 -27.30
C THR B 61 8.69 9.06 -26.41
N HIS B 62 7.66 8.30 -26.71
CA HIS B 62 6.39 8.35 -25.98
C HIS B 62 5.77 6.98 -25.73
N LEU B 63 4.96 6.89 -24.67
CA LEU B 63 4.12 5.71 -24.44
C LEU B 63 2.65 6.14 -24.45
N THR B 64 1.78 5.33 -25.04
CA THR B 64 0.35 5.62 -25.02
C THR B 64 -0.19 5.42 -23.59
N GLY B 65 -1.12 6.28 -23.17
CA GLY B 65 -1.67 6.15 -21.83
C GLY B 65 -3.19 6.13 -21.84
N HIS B 66 -3.77 5.24 -21.04
CA HIS B 66 -5.22 5.11 -20.95
C HIS B 66 -5.72 5.78 -19.70
N PHE B 67 -6.82 6.52 -19.82
CA PHE B 67 -7.37 7.29 -18.69
C PHE B 67 -8.65 6.68 -18.12
N PHE B 68 -8.68 6.54 -16.80
CA PHE B 68 -9.82 5.98 -16.10
C PHE B 68 -10.07 6.82 -14.87
N GLY B 69 -11.30 7.27 -14.69
CA GLY B 69 -11.63 8.09 -13.54
C GLY B 69 -13.03 7.81 -13.02
N VAL B 70 -13.17 7.87 -11.70
CA VAL B 70 -14.47 7.72 -11.06
C VAL B 70 -14.68 8.88 -10.11
N TYR B 71 -15.85 9.51 -10.20
CA TYR B 71 -16.17 10.70 -9.41
C TYR B 71 -17.45 10.51 -8.59
N ASP B 72 -17.28 10.41 -7.28
CA ASP B 72 -18.36 10.16 -6.33
C ASP B 72 -18.88 11.48 -5.77
N GLY B 73 -19.97 11.99 -6.31
CA GLY B 73 -20.44 13.31 -5.91
C GLY B 73 -21.15 13.29 -4.58
N HIS B 74 -21.16 14.43 -3.90
CA HIS B 74 -21.99 14.61 -2.72
C HIS B 74 -22.55 16.03 -2.66
N GLY B 75 -23.77 16.14 -2.12
CA GLY B 75 -24.43 17.42 -1.97
C GLY B 75 -25.12 17.86 -3.27
N GLY B 76 -24.93 17.07 -4.33
CA GLY B 76 -25.41 17.44 -5.65
C GLY B 76 -24.65 16.64 -6.70
N HIS B 77 -24.98 16.84 -7.97
CA HIS B 77 -24.41 16.04 -9.03
C HIS B 77 -23.48 16.84 -9.93
N LYS B 78 -23.47 18.16 -9.79
CA LYS B 78 -22.83 19.00 -10.80
C LYS B 78 -21.30 18.97 -10.79
N VAL B 79 -20.71 18.76 -9.62
CA VAL B 79 -19.26 18.68 -9.52
C VAL B 79 -18.72 17.40 -10.12
N ALA B 80 -19.35 16.26 -9.83
CA ALA B 80 -18.98 14.99 -10.45
C ALA B 80 -19.10 15.04 -11.96
N ASP B 81 -20.20 15.59 -12.46
CA ASP B 81 -20.41 15.71 -13.90
C ASP B 81 -19.34 16.59 -14.56
N TYR B 82 -18.96 17.68 -13.89
CA TYR B 82 -17.93 18.55 -14.43
C TYR B 82 -16.60 17.79 -14.52
N CYS B 83 -16.29 17.00 -13.49
CA CYS B 83 -15.08 16.18 -13.49
C CYS B 83 -15.06 15.21 -14.67
N ARG B 84 -16.17 14.50 -14.85
CA ARG B 84 -16.33 13.59 -15.96
C ARG B 84 -16.04 14.25 -17.31
N ASP B 85 -16.51 15.48 -17.48
CA ASP B 85 -16.33 16.20 -18.75
C ASP B 85 -14.94 16.80 -18.95
N ARG B 86 -14.35 17.31 -17.87
CA ARG B 86 -13.22 18.22 -17.96
C ARG B 86 -11.87 17.64 -17.48
N LEU B 87 -11.90 16.77 -16.48
N LEU B 87 -11.90 16.82 -16.44
CA LEU B 87 -10.68 16.40 -15.76
CA LEU B 87 -10.68 16.42 -15.75
C LEU B 87 -9.56 15.84 -16.62
C LEU B 87 -9.57 15.85 -16.64
N HIS B 88 -9.89 14.87 -17.47
CA HIS B 88 -8.87 14.27 -18.30
C HIS B 88 -8.26 15.28 -19.27
N PHE B 89 -9.06 16.23 -19.75
CA PHE B 89 -8.51 17.26 -20.63
C PHE B 89 -7.58 18.20 -19.86
N ALA B 90 -7.92 18.53 -18.61
CA ALA B 90 -7.04 19.40 -17.83
C ALA B 90 -5.69 18.69 -17.62
N LEU B 91 -5.76 17.37 -17.40
CA LEU B 91 -4.56 16.58 -17.25
C LEU B 91 -3.71 16.66 -18.53
N ALA B 92 -4.33 16.45 -19.69
CA ALA B 92 -3.60 16.52 -20.95
C ALA B 92 -2.90 17.87 -21.13
N GLU B 93 -3.56 18.94 -20.69
CA GLU B 93 -2.97 20.29 -20.79
C GLU B 93 -1.74 20.43 -19.91
N GLU B 94 -1.82 19.87 -18.72
CA GLU B 94 -0.70 19.88 -17.79
C GLU B 94 0.48 19.12 -18.37
N ILE B 95 0.21 17.97 -18.97
CA ILE B 95 1.27 17.19 -19.59
C ILE B 95 1.90 17.96 -20.73
N GLU B 96 1.07 18.57 -21.58
CA GLU B 96 1.60 19.31 -22.73
C GLU B 96 2.59 20.39 -22.31
N ARG B 97 2.37 20.99 -21.15
CA ARG B 97 3.28 22.01 -20.63
C ARG B 97 4.59 21.41 -20.12
N ILE B 98 4.50 20.54 -19.12
CA ILE B 98 5.69 19.87 -18.58
C ILE B 98 6.44 19.21 -19.73
N LYS B 99 5.75 19.05 -20.84
CA LYS B 99 6.33 18.47 -22.05
C LYS B 99 7.71 19.05 -22.37
N ASP B 100 7.97 20.25 -21.89
CA ASP B 100 9.25 20.90 -22.14
C ASP B 100 10.21 20.70 -20.97
N GLU B 101 10.71 19.47 -20.84
CA GLU B 101 11.61 19.11 -19.76
C GLU B 101 12.96 18.67 -20.31
N THR B 107 18.33 19.66 -13.01
CA THR B 107 17.33 19.76 -11.95
C THR B 107 17.32 18.51 -11.09
N GLY B 108 17.54 17.36 -11.73
CA GLY B 108 17.55 16.09 -11.05
C GLY B 108 16.22 15.78 -10.37
N GLU B 109 15.13 16.28 -10.95
CA GLU B 109 13.80 16.06 -10.37
C GLU B 109 13.20 14.75 -10.87
N GLY B 110 13.00 13.82 -9.94
CA GLY B 110 12.52 12.49 -10.26
C GLY B 110 11.07 12.39 -10.68
N ARG B 111 10.68 11.18 -11.05
CA ARG B 111 9.34 10.87 -11.53
C ARG B 111 8.21 11.17 -10.53
N GLN B 112 8.40 10.84 -9.26
CA GLN B 112 7.38 11.14 -8.25
C GLN B 112 7.06 12.62 -8.26
N VAL B 113 8.10 13.44 -8.36
CA VAL B 113 7.96 14.88 -8.29
C VAL B 113 7.26 15.41 -9.54
N GLN B 114 7.61 14.88 -10.71
CA GLN B 114 6.93 15.27 -11.95
C GLN B 114 5.43 14.96 -11.89
N TRP B 115 5.10 13.77 -11.43
CA TRP B 115 3.69 13.35 -11.39
C TRP B 115 2.89 14.12 -10.34
N ASP B 116 3.50 14.40 -9.20
CA ASP B 116 2.87 15.27 -8.20
C ASP B 116 2.47 16.63 -8.79
N LYS B 117 3.38 17.25 -9.54
CA LYS B 117 3.10 18.52 -10.18
C LYS B 117 1.97 18.44 -11.20
N VAL B 118 2.01 17.43 -12.06
N VAL B 118 2.04 17.45 -12.06
CA VAL B 118 1.04 17.34 -13.13
CA VAL B 118 1.08 17.27 -13.13
C VAL B 118 -0.35 17.12 -12.55
C VAL B 118 -0.33 17.10 -12.57
N PHE B 119 -0.47 16.18 -11.62
CA PHE B 119 -1.78 15.85 -11.08
C PHE B 119 -2.34 16.85 -10.08
N THR B 120 -1.47 17.43 -9.27
CA THR B 120 -1.92 18.45 -8.33
C THR B 120 -2.45 19.66 -9.08
N SER B 121 -1.68 20.15 -10.06
N SER B 121 -1.71 20.17 -10.06
CA SER B 121 -2.11 21.29 -10.86
CA SER B 121 -2.18 21.34 -10.80
C SER B 121 -3.41 21.01 -11.60
C SER B 121 -3.40 21.04 -11.67
N CYS B 122 -3.52 19.80 -12.16
CA CYS B 122 -4.71 19.36 -12.87
C CYS B 122 -5.94 19.37 -11.96
N PHE B 123 -5.82 18.77 -10.78
CA PHE B 123 -6.94 18.78 -9.83
C PHE B 123 -7.30 20.21 -9.39
N LEU B 124 -6.28 21.00 -9.05
CA LEU B 124 -6.52 22.36 -8.58
C LEU B 124 -7.10 23.23 -9.70
N THR B 125 -6.79 22.91 -10.95
CA THR B 125 -7.33 23.68 -12.08
C THR B 125 -8.83 23.40 -12.19
N VAL B 126 -9.20 22.13 -12.12
CA VAL B 126 -10.61 21.77 -12.13
C VAL B 126 -11.33 22.44 -10.96
N ASP B 127 -10.74 22.34 -9.79
CA ASP B 127 -11.33 22.91 -8.58
C ASP B 127 -11.56 24.41 -8.68
N GLY B 128 -10.62 25.12 -9.25
CA GLY B 128 -10.74 26.57 -9.40
C GLY B 128 -11.76 26.97 -10.45
N GLU B 129 -11.90 26.15 -11.49
CA GLU B 129 -12.90 26.39 -12.53
C GLU B 129 -14.29 26.25 -11.92
N ILE B 130 -14.47 25.29 -11.04
N ILE B 130 -14.42 25.28 -11.02
CA ILE B 130 -15.80 25.08 -10.46
CA ILE B 130 -15.68 24.97 -10.35
C ILE B 130 -16.15 26.13 -9.40
C ILE B 130 -16.11 26.10 -9.43
N GLU B 131 -15.15 26.63 -8.68
CA GLU B 131 -15.39 27.70 -7.73
C GLU B 131 -15.55 29.06 -8.40
N GLY B 132 -15.23 29.16 -9.69
CA GLY B 132 -15.32 30.41 -10.42
C GLY B 132 -14.13 31.35 -10.21
N LYS B 133 -12.94 30.79 -10.01
CA LYS B 133 -11.74 31.59 -9.83
C LYS B 133 -10.77 31.41 -10.99
N ILE B 134 -11.14 30.51 -11.90
CA ILE B 134 -10.34 30.23 -13.09
C ILE B 134 -11.28 30.19 -14.29
N GLY B 135 -10.90 30.87 -15.36
CA GLY B 135 -11.74 30.98 -16.54
C GLY B 135 -12.07 29.67 -17.23
N ARG B 136 -13.33 29.51 -17.58
CA ARG B 136 -13.77 28.33 -18.30
C ARG B 136 -14.73 28.73 -19.39
N ALA B 137 -14.74 27.97 -20.47
CA ALA B 137 -15.64 28.23 -21.57
C ALA B 137 -17.07 28.10 -21.07
N VAL B 138 -17.91 29.07 -21.41
CA VAL B 138 -19.32 29.02 -21.04
C VAL B 138 -20.20 29.42 -22.22
N VAL B 139 -21.37 28.81 -22.34
CA VAL B 139 -22.30 29.12 -23.41
C VAL B 139 -22.72 30.59 -23.37
N GLY B 140 -22.93 31.16 -24.55
CA GLY B 140 -23.37 32.54 -24.65
C GLY B 140 -22.24 33.52 -24.42
N SER B 141 -21.08 33.00 -24.04
CA SER B 141 -19.92 33.83 -23.79
C SER B 141 -18.72 33.36 -24.59
N SER B 142 -18.15 34.28 -25.35
CA SER B 142 -16.93 34.01 -26.09
C SER B 142 -15.82 34.83 -25.47
N ASP B 143 -14.96 34.19 -24.70
CA ASP B 143 -15.03 32.74 -24.51
C ASP B 143 -14.88 32.28 -23.06
N LYS B 144 -13.72 32.53 -22.45
CA LYS B 144 -13.47 32.06 -21.08
C LYS B 144 -13.87 33.07 -20.01
N VAL B 145 -14.69 32.65 -19.06
CA VAL B 145 -15.18 33.55 -18.01
C VAL B 145 -15.20 32.91 -16.61
N LEU B 146 -15.19 33.75 -15.58
CA LEU B 146 -15.24 33.30 -14.20
C LEU B 146 -16.68 33.03 -13.78
N GLU B 147 -16.99 31.77 -13.50
CA GLU B 147 -18.35 31.39 -13.10
C GLU B 147 -18.46 30.00 -12.46
N ALA B 148 -18.94 29.96 -11.22
CA ALA B 148 -19.14 28.73 -10.47
C ALA B 148 -19.98 27.70 -11.25
N VAL B 149 -19.50 26.46 -11.34
CA VAL B 149 -20.31 25.43 -12.00
C VAL B 149 -21.37 24.80 -11.06
N ALA B 150 -21.25 25.06 -9.76
CA ALA B 150 -22.21 24.51 -8.78
C ALA B 150 -22.21 25.36 -7.51
N SER B 151 -23.23 25.18 -6.68
CA SER B 151 -23.33 25.95 -5.44
C SER B 151 -22.25 25.50 -4.47
N GLU B 152 -22.03 26.27 -3.41
CA GLU B 152 -20.87 26.09 -2.55
C GLU B 152 -20.84 24.80 -1.73
N THR B 153 -21.96 24.08 -1.69
CA THR B 153 -22.05 22.91 -0.84
C THR B 153 -21.97 21.62 -1.65
N VAL B 154 -21.68 21.71 -2.94
CA VAL B 154 -21.58 20.48 -3.71
C VAL B 154 -20.12 20.13 -4.03
N GLY B 155 -19.77 18.86 -3.85
CA GLY B 155 -18.41 18.43 -4.11
C GLY B 155 -18.38 17.05 -4.73
N SER B 156 -17.18 16.49 -4.86
CA SER B 156 -17.01 15.16 -5.40
C SER B 156 -15.63 14.60 -5.06
N THR B 157 -15.53 13.29 -4.83
CA THR B 157 -14.23 12.63 -4.82
C THR B 157 -13.75 12.52 -6.25
N ALA B 158 -12.46 12.26 -6.42
CA ALA B 158 -11.96 11.87 -7.72
C ALA B 158 -10.85 10.86 -7.52
N VAL B 159 -11.02 9.68 -8.10
CA VAL B 159 -9.93 8.75 -8.20
C VAL B 159 -9.65 8.53 -9.69
N VAL B 160 -8.40 8.73 -10.09
CA VAL B 160 -7.99 8.63 -11.49
C VAL B 160 -6.81 7.71 -11.62
N ALA B 161 -6.84 6.84 -12.62
CA ALA B 161 -5.69 5.99 -12.93
C ALA B 161 -5.31 6.15 -14.38
N LEU B 162 -4.00 6.20 -14.60
CA LEU B 162 -3.39 6.19 -15.92
C LEU B 162 -2.68 4.86 -16.06
N VAL B 163 -2.98 4.12 -17.12
CA VAL B 163 -2.33 2.83 -17.33
C VAL B 163 -1.50 2.88 -18.61
N CYS B 164 -0.23 2.53 -18.52
CA CYS B 164 0.53 2.34 -19.72
C CYS B 164 1.26 1.01 -19.60
N SER B 165 2.12 0.72 -20.57
N SER B 165 2.10 0.69 -20.57
CA SER B 165 2.80 -0.57 -20.66
CA SER B 165 2.75 -0.61 -20.60
C SER B 165 3.62 -0.87 -19.41
C SER B 165 3.64 -0.88 -19.41
N SER B 166 4.32 0.15 -18.92
CA SER B 166 5.27 -0.04 -17.84
C SER B 166 4.74 0.30 -16.43
N HIS B 167 3.71 1.14 -16.37
CA HIS B 167 3.29 1.73 -15.10
C HIS B 167 1.78 1.93 -14.92
N ILE B 168 1.38 1.99 -13.66
CA ILE B 168 0.07 2.53 -13.29
C ILE B 168 0.31 3.77 -12.41
N VAL B 169 -0.32 4.88 -12.76
CA VAL B 169 -0.22 6.07 -11.93
C VAL B 169 -1.60 6.42 -11.42
N VAL B 170 -1.73 6.53 -10.11
CA VAL B 170 -3.05 6.81 -9.54
C VAL B 170 -3.01 8.15 -8.84
N SER B 171 -3.99 8.99 -9.15
CA SER B 171 -4.13 10.24 -8.45
C SER B 171 -5.44 10.21 -7.69
N ASN B 172 -5.37 10.41 -6.38
CA ASN B 172 -6.56 10.27 -5.56
C ASN B 172 -6.89 11.49 -4.70
N CYS B 173 -8.16 11.85 -4.66
CA CYS B 173 -8.64 12.93 -3.82
C CYS B 173 -9.99 12.54 -3.18
N GLY B 174 -9.99 12.24 -1.88
CA GLY B 174 -11.21 11.79 -1.23
C GLY B 174 -11.18 10.32 -0.83
N ASP B 175 -12.35 9.67 -0.80
CA ASP B 175 -12.46 8.30 -0.32
C ASP B 175 -13.02 7.28 -1.33
N SER B 176 -13.05 7.61 -2.62
CA SER B 176 -13.15 6.54 -3.61
C SER B 176 -11.78 5.86 -3.63
N ARG B 177 -11.63 4.77 -4.36
CA ARG B 177 -10.46 3.94 -4.18
C ARG B 177 -10.04 3.23 -5.46
N ALA B 178 -8.73 3.07 -5.65
CA ALA B 178 -8.21 2.25 -6.74
C ALA B 178 -7.42 1.07 -6.16
N VAL B 179 -7.75 -0.14 -6.62
CA VAL B 179 -7.16 -1.35 -6.05
C VAL B 179 -6.53 -2.24 -7.10
N LEU B 180 -5.27 -2.58 -6.89
CA LEU B 180 -4.53 -3.48 -7.76
C LEU B 180 -4.62 -4.87 -7.19
N PHE B 181 -4.87 -5.86 -8.04
CA PHE B 181 -4.75 -7.25 -7.62
C PHE B 181 -3.42 -7.81 -8.11
N ARG B 182 -2.46 -7.99 -7.20
CA ARG B 182 -1.15 -8.51 -7.60
C ARG B 182 -0.97 -9.90 -7.05
N GLY B 183 -0.86 -10.88 -7.95
CA GLY B 183 -0.78 -12.27 -7.54
C GLY B 183 -2.02 -12.67 -6.78
N LYS B 184 -1.88 -12.92 -5.47
CA LYS B 184 -3.04 -13.28 -4.65
C LYS B 184 -3.40 -12.21 -3.61
N GLU B 185 -2.80 -11.03 -3.71
CA GLU B 185 -3.04 -9.98 -2.72
C GLU B 185 -3.62 -8.72 -3.34
N ALA B 186 -4.64 -8.17 -2.68
CA ALA B 186 -5.12 -6.84 -3.03
C ALA B 186 -4.08 -5.80 -2.57
N MET B 187 -3.93 -4.74 -3.34
CA MET B 187 -3.02 -3.66 -2.99
C MET B 187 -3.67 -2.33 -3.34
N PRO B 188 -4.20 -1.62 -2.34
CA PRO B 188 -4.85 -0.36 -2.70
C PRO B 188 -3.80 0.61 -3.19
N LEU B 189 -4.08 1.33 -4.27
CA LEU B 189 -3.09 2.25 -4.80
C LEU B 189 -3.39 3.68 -4.33
N SER B 190 -4.33 3.80 -3.40
CA SER B 190 -4.68 5.11 -2.83
C SER B 190 -4.99 4.95 -1.35
N VAL B 191 -4.66 5.98 -0.56
CA VAL B 191 -4.98 5.98 0.86
C VAL B 191 -6.13 6.96 1.07
N ASP B 192 -7.24 6.51 1.65
CA ASP B 192 -8.43 7.36 1.82
C ASP B 192 -8.11 8.65 2.60
N HIS B 193 -8.63 9.79 2.12
CA HIS B 193 -8.49 11.04 2.85
C HIS B 193 -9.61 11.17 3.87
N LYS B 194 -9.36 10.65 5.08
CA LYS B 194 -10.34 10.75 6.14
C LYS B 194 -9.76 11.59 7.28
N PRO B 195 -10.62 12.34 7.94
CA PRO B 195 -10.22 13.32 8.96
C PRO B 195 -9.56 12.67 10.17
N ASP B 196 -9.64 11.36 10.33
CA ASP B 196 -8.99 10.79 11.49
C ASP B 196 -7.53 10.33 11.24
N ARG B 197 -7.05 10.47 10.01
CA ARG B 197 -5.61 10.42 9.76
C ARG B 197 -4.96 11.56 10.53
N GLU B 198 -3.88 11.27 11.26
CA GLU B 198 -3.24 12.28 12.11
C GLU B 198 -2.75 13.51 11.31
N ASP B 199 -2.23 13.30 10.12
CA ASP B 199 -1.77 14.43 9.33
C ASP B 199 -2.96 15.33 8.94
N GLU B 200 -4.03 14.71 8.47
CA GLU B 200 -5.24 15.45 8.07
C GLU B 200 -5.87 16.11 9.28
N TYR B 201 -5.89 15.40 10.40
CA TYR B 201 -6.41 15.95 11.64
C TYR B 201 -5.64 17.20 12.05
N ALA B 202 -4.31 17.14 11.99
CA ALA B 202 -3.49 18.27 12.37
C ALA B 202 -3.62 19.43 11.37
N ARG B 203 -3.71 19.11 10.09
CA ARG B 203 -3.91 20.13 9.07
C ARG B 203 -5.19 20.93 9.35
N ILE B 204 -6.27 20.21 9.59
CA ILE B 204 -7.57 20.85 9.79
C ILE B 204 -7.65 21.70 11.07
N GLU B 205 -7.12 21.19 12.18
CA GLU B 205 -7.11 21.90 13.45
C GLU B 205 -6.18 23.11 13.41
N ASN B 206 -4.97 22.91 12.91
N ASN B 206 -4.97 22.92 12.89
CA ASN B 206 -4.04 24.02 12.73
CA ASN B 206 -4.04 24.02 12.72
C ASN B 206 -4.63 25.15 11.88
C ASN B 206 -4.67 25.15 11.91
N ALA B 207 -5.60 24.82 11.04
CA ALA B 207 -6.29 25.85 10.25
C ALA B 207 -7.51 26.45 10.96
N GLY B 208 -7.75 26.05 12.20
CA GLY B 208 -8.87 26.56 12.97
C GLY B 208 -10.15 25.73 12.87
N GLY B 209 -10.09 24.61 12.17
CA GLY B 209 -11.28 23.79 11.98
C GLY B 209 -11.45 22.76 13.07
N LYS B 210 -12.50 21.95 12.97
CA LYS B 210 -12.81 20.95 13.98
C LYS B 210 -13.15 19.60 13.34
N VAL B 211 -12.66 18.53 13.94
CA VAL B 211 -13.03 17.20 13.51
C VAL B 211 -13.83 16.55 14.62
N ILE B 212 -15.03 16.07 14.28
CA ILE B 212 -15.90 15.50 15.30
C ILE B 212 -16.27 14.06 14.94
N GLN B 213 -16.14 13.15 15.90
CA GLN B 213 -16.59 11.76 15.68
C GLN B 213 -18.12 11.70 15.70
N TRP B 214 -18.73 11.50 14.54
CA TRP B 214 -20.18 11.51 14.42
C TRP B 214 -20.59 10.67 13.22
N GLN B 215 -20.79 9.37 13.45
CA GLN B 215 -20.96 8.41 12.37
C GLN B 215 -19.73 8.47 11.49
N GLY B 216 -18.57 8.18 12.08
CA GLY B 216 -17.29 8.43 11.45
C GLY B 216 -16.77 9.82 11.81
N ALA B 217 -15.44 9.97 11.77
CA ALA B 217 -14.80 11.27 11.95
C ALA B 217 -15.25 12.19 10.83
N ARG B 218 -15.73 13.38 11.17
CA ARG B 218 -16.24 14.31 10.17
C ARG B 218 -15.73 15.74 10.37
N VAL B 219 -15.47 16.42 9.26
CA VAL B 219 -15.04 17.81 9.32
C VAL B 219 -16.27 18.60 9.79
N PHE B 220 -16.15 19.26 10.93
CA PHE B 220 -17.27 19.94 11.57
C PHE B 220 -18.53 19.07 11.66
N GLY B 221 -18.37 17.76 11.76
CA GLY B 221 -19.52 16.86 11.87
C GLY B 221 -20.29 16.67 10.56
N VAL B 222 -19.81 17.30 9.49
CA VAL B 222 -20.47 17.25 8.21
C VAL B 222 -19.86 16.23 7.24
N LEU B 223 -18.68 16.54 6.70
CA LEU B 223 -18.09 15.70 5.64
C LEU B 223 -17.20 14.58 6.17
N ALA B 224 -17.44 13.37 5.69
CA ALA B 224 -16.65 12.20 6.08
C ALA B 224 -15.27 12.11 5.40
N MET B 225 -15.00 13.01 4.47
N MET B 225 -15.01 13.02 4.46
CA MET B 225 -13.67 13.01 3.86
CA MET B 225 -13.72 13.06 3.79
C MET B 225 -12.99 14.36 4.11
C MET B 225 -12.99 14.36 4.13
N SER B 226 -11.66 14.34 4.11
CA SER B 226 -10.88 15.54 4.45
C SER B 226 -10.42 16.27 3.19
N ARG B 227 -10.65 15.65 2.04
CA ARG B 227 -10.26 16.25 0.78
C ARG B 227 -11.30 15.91 -0.25
N SER B 228 -11.58 16.86 -1.12
CA SER B 228 -12.37 16.55 -2.31
C SER B 228 -12.35 17.74 -3.26
N ILE B 229 -12.97 17.56 -4.42
CA ILE B 229 -13.11 18.62 -5.40
C ILE B 229 -14.41 19.34 -5.10
N GLY B 230 -14.37 20.67 -5.10
CA GLY B 230 -15.53 21.49 -4.78
C GLY B 230 -15.62 21.78 -3.28
N ASP B 231 -16.84 21.75 -2.75
CA ASP B 231 -17.06 21.97 -1.32
C ASP B 231 -16.46 23.27 -0.80
N ARG B 232 -16.50 24.31 -1.63
CA ARG B 232 -15.89 25.57 -1.27
C ARG B 232 -16.38 26.09 0.08
N TYR B 233 -17.60 25.74 0.49
CA TYR B 233 -18.07 26.16 1.81
C TYR B 233 -17.21 25.60 2.96
N LEU B 234 -16.45 24.55 2.70
CA LEU B 234 -15.60 23.99 3.77
C LEU B 234 -14.10 24.21 3.57
N LYS B 235 -13.73 25.02 2.58
CA LYS B 235 -12.34 25.44 2.43
C LYS B 235 -12.04 26.40 3.58
N PRO B 236 -10.82 26.34 4.14
CA PRO B 236 -9.66 25.54 3.71
C PRO B 236 -9.52 24.20 4.42
N TYR B 237 -10.58 23.73 5.07
CA TYR B 237 -10.51 22.53 5.88
C TYR B 237 -10.48 21.27 5.00
N VAL B 238 -11.31 21.26 3.96
CA VAL B 238 -11.15 20.23 2.96
C VAL B 238 -10.54 20.92 1.74
N ILE B 239 -9.62 20.22 1.08
CA ILE B 239 -8.86 20.79 -0.03
C ILE B 239 -8.89 19.83 -1.19
N PRO B 240 -8.67 20.37 -2.41
CA PRO B 240 -8.70 19.59 -3.66
C PRO B 240 -7.39 18.86 -3.97
N GLU B 241 -6.40 18.94 -3.09
CA GLU B 241 -5.05 18.45 -3.37
C GLU B 241 -4.94 16.90 -3.32
N PRO B 242 -4.60 16.27 -4.44
CA PRO B 242 -4.58 14.80 -4.48
C PRO B 242 -3.29 14.22 -3.93
N GLU B 243 -3.29 12.92 -3.65
CA GLU B 243 -2.04 12.18 -3.47
C GLU B 243 -1.82 11.22 -4.63
N VAL B 244 -0.57 11.12 -5.08
CA VAL B 244 -0.24 10.40 -6.30
C VAL B 244 0.64 9.17 -6.03
N THR B 245 0.22 8.05 -6.59
CA THR B 245 0.92 6.78 -6.44
C THR B 245 1.48 6.34 -7.78
N PHE B 246 2.79 6.12 -7.82
CA PHE B 246 3.49 5.75 -9.05
C PHE B 246 3.88 4.29 -8.93
N MET B 247 3.22 3.41 -9.68
CA MET B 247 3.34 1.95 -9.45
C MET B 247 3.87 1.19 -10.68
N PRO B 248 5.13 0.71 -10.64
CA PRO B 248 5.56 -0.10 -11.77
C PRO B 248 4.73 -1.38 -11.83
N ARG B 249 4.43 -1.83 -13.04
CA ARG B 249 3.60 -3.02 -13.22
C ARG B 249 4.37 -4.31 -12.96
N SER B 250 3.66 -5.43 -12.96
CA SER B 250 4.25 -6.76 -12.72
C SER B 250 3.53 -7.82 -13.53
N ARG B 251 4.27 -8.83 -13.99
CA ARG B 251 3.65 -9.94 -14.68
C ARG B 251 2.65 -10.64 -13.78
N GLU B 252 2.78 -10.45 -12.46
CA GLU B 252 1.86 -11.06 -11.49
C GLU B 252 0.49 -10.36 -11.44
N ASP B 253 0.42 -9.17 -12.04
CA ASP B 253 -0.79 -8.34 -11.95
C ASP B 253 -1.98 -8.96 -12.68
N GLU B 254 -3.14 -8.94 -12.02
CA GLU B 254 -4.35 -9.55 -12.55
C GLU B 254 -5.34 -8.51 -13.08
N CYS B 255 -5.67 -7.53 -12.24
CA CYS B 255 -6.67 -6.53 -12.59
C CYS B 255 -6.60 -5.33 -11.65
N LEU B 256 -7.22 -4.25 -12.07
CA LEU B 256 -7.22 -3.00 -11.35
C LEU B 256 -8.66 -2.56 -11.28
N ILE B 257 -9.14 -2.25 -10.07
CA ILE B 257 -10.51 -1.84 -9.91
C ILE B 257 -10.57 -0.42 -9.33
N LEU B 258 -11.26 0.50 -10.02
CA LEU B 258 -11.60 1.77 -9.40
C LEU B 258 -13.09 1.76 -9.10
N ALA B 259 -13.49 2.33 -7.97
CA ALA B 259 -14.91 2.31 -7.62
C ALA B 259 -15.23 3.38 -6.61
N SER B 260 -16.49 3.81 -6.58
CA SER B 260 -16.96 4.70 -5.51
C SER B 260 -17.29 3.85 -4.29
N ASP B 261 -17.61 4.50 -3.18
CA ASP B 261 -17.86 3.77 -1.93
C ASP B 261 -19.19 3.03 -1.95
N GLY B 262 -20.00 3.26 -2.98
CA GLY B 262 -21.14 2.39 -3.21
C GLY B 262 -20.73 0.92 -3.14
N LEU B 263 -19.49 0.64 -3.57
CA LEU B 263 -18.91 -0.70 -3.59
C LEU B 263 -18.14 -0.98 -2.30
N TRP B 264 -17.24 -0.07 -1.92
CA TRP B 264 -16.31 -0.37 -0.85
C TRP B 264 -16.98 -0.36 0.52
N ASP B 265 -18.13 0.28 0.63
CA ASP B 265 -18.81 0.32 1.92
C ASP B 265 -19.39 -1.04 2.34
N VAL B 266 -19.59 -1.95 1.39
CA VAL B 266 -20.13 -3.27 1.71
C VAL B 266 -19.19 -4.45 1.36
N MET B 267 -18.05 -4.17 0.73
CA MET B 267 -17.09 -5.23 0.39
C MET B 267 -15.66 -4.76 0.59
N ASN B 268 -14.78 -5.65 1.03
CA ASN B 268 -13.40 -5.25 1.21
C ASN B 268 -12.56 -5.50 -0.05
N ASN B 269 -11.39 -4.87 -0.08
CA ASN B 269 -10.51 -4.93 -1.24
C ASN B 269 -10.20 -6.34 -1.70
N GLN B 270 -9.85 -7.21 -0.75
CA GLN B 270 -9.47 -8.56 -1.10
C GLN B 270 -10.61 -9.31 -1.78
N GLU B 271 -11.80 -9.22 -1.22
CA GLU B 271 -12.91 -9.97 -1.80
C GLU B 271 -13.35 -9.46 -3.18
N VAL B 272 -13.32 -8.13 -3.36
CA VAL B 272 -13.61 -7.53 -4.67
C VAL B 272 -12.65 -8.03 -5.74
N CYS B 273 -11.35 -8.04 -5.42
CA CYS B 273 -10.36 -8.52 -6.38
C CYS B 273 -10.53 -10.00 -6.71
N GLU B 274 -10.74 -10.82 -5.68
CA GLU B 274 -10.90 -12.26 -5.89
C GLU B 274 -12.10 -12.50 -6.79
N ILE B 275 -13.20 -11.82 -6.49
CA ILE B 275 -14.40 -11.94 -7.32
C ILE B 275 -14.17 -11.49 -8.76
N ALA B 276 -13.57 -10.31 -8.94
CA ALA B 276 -13.36 -9.77 -10.29
C ALA B 276 -12.56 -10.74 -11.13
N ARG B 277 -11.47 -11.24 -10.56
CA ARG B 277 -10.63 -12.17 -11.27
C ARG B 277 -11.36 -13.48 -11.62
N ARG B 278 -12.09 -14.04 -10.66
CA ARG B 278 -12.90 -15.24 -10.92
C ARG B 278 -13.91 -15.04 -12.05
N ARG B 279 -14.60 -13.91 -12.02
N ARG B 279 -14.59 -13.90 -12.02
CA ARG B 279 -15.60 -13.60 -13.03
CA ARG B 279 -15.59 -13.58 -13.03
C ARG B 279 -15.00 -13.39 -14.42
C ARG B 279 -14.97 -13.44 -14.41
N ILE B 280 -13.85 -12.75 -14.49
CA ILE B 280 -13.11 -12.65 -15.75
C ILE B 280 -12.70 -14.05 -16.26
N LEU B 281 -12.22 -14.89 -15.36
CA LEU B 281 -11.79 -16.23 -15.76
C LEU B 281 -12.99 -17.06 -16.23
N MET B 282 -14.09 -16.97 -15.50
CA MET B 282 -15.34 -17.61 -15.90
C MET B 282 -15.73 -17.22 -17.32
N TRP B 283 -15.74 -15.91 -17.59
CA TRP B 283 -16.16 -15.44 -18.91
C TRP B 283 -15.30 -16.04 -20.02
N HIS B 284 -13.98 -16.02 -19.83
CA HIS B 284 -13.08 -16.54 -20.84
C HIS B 284 -13.27 -18.05 -21.02
N LYS B 285 -13.45 -18.77 -19.92
CA LYS B 285 -13.61 -20.21 -19.98
C LYS B 285 -14.84 -20.58 -20.82
N LYS B 286 -15.95 -19.91 -20.57
CA LYS B 286 -17.18 -20.26 -21.26
C LYS B 286 -17.25 -19.69 -22.68
N ASN B 287 -16.65 -18.53 -22.91
CA ASN B 287 -16.76 -17.87 -24.21
C ASN B 287 -15.56 -17.99 -25.14
N GLY B 288 -14.38 -18.19 -24.57
CA GLY B 288 -13.14 -18.15 -25.33
C GLY B 288 -12.66 -16.71 -25.51
N ALA B 289 -11.52 -16.54 -26.17
CA ALA B 289 -10.97 -15.20 -26.38
C ALA B 289 -11.71 -14.48 -27.51
N PRO B 290 -11.97 -13.18 -27.32
CA PRO B 290 -12.57 -12.37 -28.39
C PRO B 290 -11.57 -12.19 -29.52
N PRO B 291 -12.05 -11.86 -30.73
CA PRO B 291 -11.20 -11.58 -31.89
C PRO B 291 -10.26 -10.40 -31.59
N LEU B 292 -8.97 -10.57 -31.84
CA LEU B 292 -7.97 -9.57 -31.47
C LEU B 292 -8.17 -8.25 -32.22
N ALA B 293 -8.79 -8.32 -33.38
CA ALA B 293 -9.06 -7.13 -34.18
C ALA B 293 -9.95 -6.11 -33.49
N GLU B 294 -10.84 -6.56 -32.61
CA GLU B 294 -11.73 -5.61 -31.95
C GLU B 294 -11.36 -5.32 -30.49
N ARG B 295 -10.30 -5.96 -30.01
CA ARG B 295 -9.84 -5.73 -28.65
C ARG B 295 -9.23 -4.34 -28.49
N GLY B 296 -9.69 -3.61 -27.48
CA GLY B 296 -9.13 -2.31 -27.17
C GLY B 296 -9.96 -1.16 -27.69
N LYS B 297 -11.01 -1.48 -28.44
CA LYS B 297 -11.81 -0.46 -29.09
C LYS B 297 -13.02 0.02 -28.27
N GLY B 298 -13.52 -0.86 -27.41
CA GLY B 298 -14.59 -0.51 -26.50
C GLY B 298 -14.50 -1.46 -25.33
N ILE B 299 -15.59 -1.56 -24.56
CA ILE B 299 -15.68 -2.55 -23.48
C ILE B 299 -15.12 -3.92 -23.87
N ASP B 300 -14.41 -4.53 -22.93
CA ASP B 300 -14.06 -5.96 -22.98
C ASP B 300 -15.15 -6.70 -22.20
N PRO B 301 -15.81 -7.68 -22.86
CA PRO B 301 -16.95 -8.38 -22.24
C PRO B 301 -16.62 -9.04 -20.90
N ALA B 302 -15.45 -9.66 -20.79
CA ALA B 302 -15.04 -10.30 -19.54
C ALA B 302 -15.03 -9.29 -18.39
N CYS B 303 -14.40 -8.14 -18.63
CA CYS B 303 -14.34 -7.08 -17.62
C CYS B 303 -15.70 -6.52 -17.34
N GLN B 304 -16.52 -6.37 -18.38
CA GLN B 304 -17.90 -5.92 -18.19
C GLN B 304 -18.68 -6.92 -17.33
N ALA B 305 -18.51 -8.21 -17.62
CA ALA B 305 -19.18 -9.23 -16.83
C ALA B 305 -18.78 -9.09 -15.36
N ALA B 306 -17.49 -8.85 -15.09
CA ALA B 306 -17.03 -8.71 -13.72
C ALA B 306 -17.66 -7.51 -13.02
N ALA B 307 -17.65 -6.35 -13.68
CA ALA B 307 -18.26 -5.16 -13.09
C ALA B 307 -19.76 -5.33 -12.84
N ASP B 308 -20.47 -5.88 -13.83
CA ASP B 308 -21.90 -6.13 -13.68
C ASP B 308 -22.16 -6.96 -12.43
N TYR B 309 -21.43 -8.06 -12.31
CA TYR B 309 -21.54 -8.94 -11.16
C TYR B 309 -21.21 -8.24 -9.83
N LEU B 310 -20.10 -7.51 -9.77
CA LEU B 310 -19.76 -6.81 -8.53
C LEU B 310 -20.87 -5.88 -8.08
N SER B 311 -21.48 -5.16 -9.02
CA SER B 311 -22.54 -4.21 -8.66
C SER B 311 -23.79 -4.92 -8.12
N MET B 312 -24.18 -6.01 -8.76
CA MET B 312 -25.37 -6.74 -8.32
C MET B 312 -25.08 -7.35 -6.95
N LEU B 313 -23.87 -7.84 -6.77
CA LEU B 313 -23.46 -8.37 -5.47
C LEU B 313 -23.50 -7.29 -4.38
N ALA B 314 -23.09 -6.07 -4.71
CA ALA B 314 -23.14 -4.98 -3.76
C ALA B 314 -24.59 -4.59 -3.41
N LEU B 315 -25.46 -4.62 -4.40
CA LEU B 315 -26.88 -4.37 -4.15
C LEU B 315 -27.40 -5.44 -3.18
N GLN B 316 -27.13 -6.69 -3.52
CA GLN B 316 -27.50 -7.83 -2.68
C GLN B 316 -27.08 -7.65 -1.22
N LYS B 317 -25.88 -7.13 -1.01
CA LYS B 317 -25.32 -6.99 0.32
C LYS B 317 -25.84 -5.76 1.06
N GLY B 318 -26.81 -5.09 0.46
CA GLY B 318 -27.47 -3.99 1.12
C GLY B 318 -26.94 -2.59 0.85
N SER B 319 -26.08 -2.42 -0.16
CA SER B 319 -25.60 -1.09 -0.48
C SER B 319 -26.77 -0.18 -0.87
N LYS B 320 -26.85 0.98 -0.21
CA LYS B 320 -27.93 1.95 -0.46
C LYS B 320 -27.41 3.20 -1.18
N ASP B 321 -26.33 3.07 -1.93
CA ASP B 321 -25.66 4.25 -2.51
C ASP B 321 -25.59 4.07 -4.02
N ASN B 322 -25.24 5.12 -4.75
CA ASN B 322 -24.86 4.96 -6.15
C ASN B 322 -23.65 4.01 -6.19
N ILE B 323 -23.53 3.23 -7.26
CA ILE B 323 -22.41 2.32 -7.43
C ILE B 323 -21.72 2.52 -8.78
N SER B 324 -20.44 2.89 -8.75
CA SER B 324 -19.66 3.00 -9.95
C SER B 324 -18.39 2.18 -9.84
N ILE B 325 -18.12 1.38 -10.87
CA ILE B 325 -17.02 0.45 -10.84
C ILE B 325 -16.40 0.41 -12.22
N ILE B 326 -15.08 0.51 -12.27
CA ILE B 326 -14.33 0.23 -13.50
C ILE B 326 -13.45 -0.97 -13.23
N VAL B 327 -13.60 -2.02 -14.02
CA VAL B 327 -12.72 -3.18 -13.90
C VAL B 327 -11.75 -3.20 -15.08
N ILE B 328 -10.45 -3.28 -14.79
CA ILE B 328 -9.44 -3.29 -15.85
C ILE B 328 -8.61 -4.57 -15.79
N ASP B 329 -8.60 -5.33 -16.90
CA ASP B 329 -7.83 -6.56 -16.98
C ASP B 329 -6.36 -6.26 -17.34
N LEU B 330 -5.44 -6.70 -16.49
CA LEU B 330 -4.02 -6.39 -16.65
C LEU B 330 -3.18 -7.53 -17.24
N LYS B 331 -3.78 -8.71 -17.40
CA LYS B 331 -3.16 -9.83 -18.10
C LYS B 331 -3.31 -9.68 -19.61
N ALA B 332 -2.24 -9.88 -20.37
CA ALA B 332 -2.31 -9.77 -21.83
C ALA B 332 -3.12 -10.94 -22.43
N GLN B 333 -2.90 -12.15 -21.91
CA GLN B 333 -3.67 -13.31 -22.34
C GLN B 333 -4.22 -14.10 -21.16
N ARG B 334 -5.36 -14.73 -21.35
CA ARG B 334 -5.87 -15.68 -20.37
C ARG B 334 -6.31 -16.96 -21.06
N LYS B 335 -5.39 -17.89 -21.23
CA LYS B 335 -5.68 -19.15 -21.90
C LYS B 335 -5.53 -20.34 -20.94
N VAL C 9 10.39 -8.50 -33.18
CA VAL C 9 10.23 -9.21 -34.45
C VAL C 9 10.80 -10.62 -34.36
N GLU C 10 11.80 -10.90 -35.19
CA GLU C 10 12.42 -12.22 -35.23
C GLU C 10 12.10 -13.02 -33.97
N SER C 11 12.72 -12.65 -32.86
CA SER C 11 12.57 -13.40 -31.61
C SER C 11 11.15 -13.37 -31.05
N GLU C 12 10.38 -12.37 -31.46
CA GLU C 12 9.01 -12.23 -30.98
C GLU C 12 8.08 -13.17 -31.75
N TYR C 13 8.10 -13.06 -33.08
CA TYR C 13 7.29 -13.93 -33.91
C TYR C 13 7.53 -15.38 -33.54
N ILE C 14 8.78 -15.71 -33.24
CA ILE C 14 9.16 -17.08 -32.90
C ILE C 14 8.58 -17.50 -31.57
N LYS C 15 8.62 -16.60 -30.60
CA LYS C 15 8.12 -16.88 -29.27
C LYS C 15 6.60 -17.06 -29.26
N LYS C 16 5.96 -16.64 -30.34
CA LYS C 16 4.50 -16.67 -30.40
C LYS C 16 3.95 -17.76 -31.32
N HIS C 17 4.67 -18.07 -32.39
CA HIS C 17 4.19 -19.03 -33.36
C HIS C 17 4.98 -20.33 -33.38
N HIS C 18 6.24 -20.27 -32.94
CA HIS C 18 7.12 -21.43 -33.07
C HIS C 18 7.68 -21.91 -31.74
N ARG C 19 6.89 -21.80 -30.68
CA ARG C 19 7.31 -22.26 -29.37
C ARG C 19 6.62 -23.58 -29.03
N HIS C 20 7.30 -24.68 -29.29
CA HIS C 20 6.77 -26.01 -28.99
C HIS C 20 7.55 -26.67 -27.86
N GLU C 21 6.83 -27.38 -26.99
CA GLU C 21 7.46 -28.10 -25.89
C GLU C 21 7.77 -29.53 -26.30
N LEU C 22 9.06 -29.86 -26.34
CA LEU C 22 9.49 -31.19 -26.75
C LEU C 22 9.34 -32.19 -25.61
N VAL C 23 8.72 -33.33 -25.90
CA VAL C 23 8.55 -34.36 -24.90
C VAL C 23 9.79 -34.48 -24.04
N GLU C 24 10.95 -34.21 -24.63
CA GLU C 24 12.20 -34.24 -23.87
C GLU C 24 13.43 -33.87 -24.70
N SER C 25 14.41 -33.28 -24.01
CA SER C 25 15.71 -32.95 -24.58
C SER C 25 16.70 -32.86 -23.42
N GLN C 26 17.99 -32.73 -23.72
CA GLN C 26 18.99 -32.68 -22.66
C GLN C 26 20.09 -31.69 -23.04
N CYS C 27 20.55 -30.89 -22.08
CA CYS C 27 21.62 -29.94 -22.38
C CYS C 27 22.87 -30.30 -21.57
N SER C 28 24.00 -29.68 -21.90
CA SER C 28 25.22 -30.01 -21.21
C SER C 28 26.17 -28.80 -21.23
N SER C 29 27.05 -28.72 -20.24
CA SER C 29 28.01 -27.62 -20.18
C SER C 29 29.19 -28.01 -19.30
N THR C 30 30.20 -27.15 -19.26
CA THR C 30 31.43 -27.40 -18.50
C THR C 30 31.90 -26.14 -17.80
N LEU C 31 32.42 -26.29 -16.59
CA LEU C 31 33.05 -25.17 -15.87
C LEU C 31 34.42 -25.52 -15.32
N VAL C 32 35.20 -24.48 -15.06
CA VAL C 32 36.58 -24.64 -14.65
C VAL C 32 36.92 -23.66 -13.53
N LYS C 33 37.86 -24.02 -12.67
CA LYS C 33 38.23 -23.15 -11.58
C LYS C 33 39.64 -23.48 -11.13
N HIS C 34 40.50 -22.46 -11.02
CA HIS C 34 41.81 -22.70 -10.47
C HIS C 34 41.82 -22.47 -8.95
N ILE C 35 42.36 -23.43 -8.23
CA ILE C 35 42.38 -23.38 -6.79
C ILE C 35 43.81 -23.32 -6.32
N LYS C 36 44.11 -22.40 -5.42
CA LYS C 36 45.49 -22.25 -4.98
C LYS C 36 45.81 -23.22 -3.86
N ALA C 37 45.75 -24.51 -4.17
CA ALA C 37 46.10 -25.54 -3.20
C ALA C 37 46.54 -26.82 -3.93
N PRO C 38 47.41 -27.62 -3.30
CA PRO C 38 47.93 -28.85 -3.92
C PRO C 38 46.79 -29.82 -4.16
N LEU C 39 46.87 -30.59 -5.24
CA LEU C 39 45.75 -31.44 -5.63
C LEU C 39 45.40 -32.47 -4.54
N HIS C 40 46.36 -32.93 -3.75
CA HIS C 40 46.04 -33.97 -2.78
C HIS C 40 45.05 -33.45 -1.74
N LEU C 41 45.25 -32.21 -1.30
CA LEU C 41 44.37 -31.57 -0.34
C LEU C 41 43.01 -31.27 -0.97
N VAL C 42 43.01 -30.77 -2.21
CA VAL C 42 41.75 -30.55 -2.91
C VAL C 42 40.99 -31.88 -3.03
N TRP C 43 41.71 -32.95 -3.37
CA TRP C 43 41.05 -34.24 -3.60
C TRP C 43 40.54 -34.84 -2.30
N SER C 44 41.26 -34.59 -1.20
CA SER C 44 40.84 -35.10 0.11
C SER C 44 39.48 -34.54 0.50
N ILE C 45 39.16 -33.35 0.00
CA ILE C 45 37.84 -32.76 0.20
C ILE C 45 36.82 -33.32 -0.81
N VAL C 46 37.16 -33.28 -2.08
CA VAL C 46 36.22 -33.68 -3.13
C VAL C 46 35.81 -35.17 -3.06
N ARG C 47 36.75 -36.04 -2.71
CA ARG C 47 36.46 -37.47 -2.67
C ARG C 47 35.41 -37.86 -1.64
N ARG C 48 35.20 -37.02 -0.64
CA ARG C 48 34.22 -37.33 0.42
C ARG C 48 32.77 -37.13 -0.01
N PHE C 49 32.30 -38.02 -0.90
CA PHE C 49 30.91 -38.02 -1.37
C PHE C 49 29.95 -38.01 -0.20
N ASP C 50 30.37 -38.63 0.90
CA ASP C 50 29.50 -38.76 2.06
C ASP C 50 29.41 -37.48 2.87
N GLU C 51 30.24 -36.49 2.54
CA GLU C 51 30.23 -35.22 3.26
C GLU C 51 30.37 -33.99 2.38
N PRO C 52 29.40 -33.77 1.48
CA PRO C 52 29.52 -32.64 0.55
C PRO C 52 29.41 -31.30 1.27
N GLN C 53 28.86 -31.26 2.48
CA GLN C 53 28.73 -30.01 3.21
C GLN C 53 30.10 -29.44 3.60
N LYS C 54 31.16 -30.20 3.36
CA LYS C 54 32.51 -29.72 3.63
C LYS C 54 32.81 -28.49 2.77
N TYR C 55 32.11 -28.38 1.63
CA TYR C 55 32.38 -27.27 0.74
C TYR C 55 31.19 -26.82 -0.10
N LYS C 56 30.17 -27.64 -0.24
CA LYS C 56 28.97 -27.22 -0.98
C LYS C 56 28.12 -26.34 -0.05
N PRO C 57 28.03 -25.05 -0.39
CA PRO C 57 27.47 -24.05 0.55
C PRO C 57 25.95 -24.11 0.74
N PHE C 58 25.23 -24.78 -0.15
CA PHE C 58 23.78 -24.84 0.00
C PHE C 58 23.26 -26.07 0.77
N ILE C 59 24.15 -26.95 1.21
CA ILE C 59 23.73 -28.17 1.88
C ILE C 59 23.60 -27.99 3.39
N SER C 60 22.39 -28.16 3.91
CA SER C 60 22.17 -28.01 5.34
C SER C 60 22.39 -29.35 6.03
N ARG C 61 22.11 -30.44 5.32
CA ARG C 61 22.24 -31.76 5.93
C ARG C 61 22.47 -32.84 4.88
N CYS C 62 23.27 -33.84 5.21
CA CYS C 62 23.50 -34.96 4.30
C CYS C 62 23.57 -36.29 5.05
N VAL C 63 22.75 -37.24 4.62
CA VAL C 63 22.67 -38.54 5.26
C VAL C 63 22.94 -39.64 4.24
N VAL C 64 23.87 -40.52 4.59
CA VAL C 64 24.20 -41.69 3.78
C VAL C 64 23.91 -42.96 4.57
N GLN C 65 23.01 -43.80 4.05
CA GLN C 65 22.67 -45.04 4.72
C GLN C 65 23.46 -46.20 4.12
N GLY C 66 24.15 -46.94 4.99
CA GLY C 66 24.95 -48.07 4.54
C GLY C 66 26.34 -47.64 4.11
N LYS C 67 26.97 -48.44 3.27
CA LYS C 67 28.30 -48.10 2.77
C LYS C 67 28.35 -46.63 2.40
N LYS C 68 29.28 -45.91 3.02
CA LYS C 68 29.35 -44.46 2.86
C LYS C 68 30.11 -44.03 1.62
N LEU C 69 31.22 -44.71 1.33
CA LEU C 69 32.08 -44.30 0.22
C LEU C 69 32.44 -45.42 -0.74
N GLU C 70 31.58 -45.64 -1.72
CA GLU C 70 31.87 -46.59 -2.80
C GLU C 70 30.78 -46.55 -3.86
N VAL C 71 31.14 -46.88 -5.09
CA VAL C 71 30.19 -46.83 -6.19
C VAL C 71 28.88 -47.49 -5.80
N GLY C 72 27.78 -46.75 -5.96
CA GLY C 72 26.49 -47.24 -5.56
C GLY C 72 25.97 -46.58 -4.29
N SER C 73 26.88 -45.99 -3.51
CA SER C 73 26.45 -45.26 -2.31
C SER C 73 25.40 -44.21 -2.66
N VAL C 74 24.49 -44.00 -1.72
CA VAL C 74 23.38 -43.08 -1.92
C VAL C 74 23.33 -42.05 -0.79
N ARG C 75 23.30 -40.77 -1.16
CA ARG C 75 23.24 -39.70 -0.18
C ARG C 75 21.96 -38.90 -0.34
N GLU C 76 21.34 -38.62 0.80
CA GLU C 76 20.13 -37.81 0.87
C GLU C 76 20.48 -36.42 1.40
N VAL C 77 20.20 -35.41 0.59
CA VAL C 77 20.62 -34.07 0.92
C VAL C 77 19.42 -33.18 1.19
N ASP C 78 19.49 -32.41 2.28
CA ASP C 78 18.55 -31.33 2.51
C ASP C 78 19.24 -30.01 2.25
N LEU C 79 18.53 -29.10 1.57
CA LEU C 79 19.13 -27.86 1.14
C LEU C 79 18.72 -26.72 2.04
N LYS C 80 19.55 -25.68 2.10
CA LYS C 80 19.21 -24.46 2.80
C LYS C 80 18.13 -23.70 2.02
N SER C 81 17.41 -22.80 2.70
CA SER C 81 16.30 -22.11 2.05
C SER C 81 16.77 -21.13 0.96
N GLY C 82 15.89 -20.86 0.02
CA GLY C 82 16.17 -19.89 -1.03
C GLY C 82 16.28 -20.48 -2.42
N LEU C 83 16.53 -21.79 -2.49
CA LEU C 83 16.62 -22.48 -3.77
C LEU C 83 15.26 -22.93 -4.24
N PRO C 84 15.12 -23.21 -5.54
CA PRO C 84 13.88 -23.82 -6.04
C PRO C 84 13.89 -25.34 -5.82
N ALA C 85 14.27 -25.77 -4.63
CA ALA C 85 14.37 -27.18 -4.30
C ALA C 85 14.66 -27.27 -2.81
N THR C 86 14.36 -28.39 -2.17
CA THR C 86 14.62 -28.51 -0.74
C THR C 86 15.39 -29.78 -0.40
N LYS C 87 15.36 -30.74 -1.31
CA LYS C 87 16.06 -32.01 -1.10
C LYS C 87 16.45 -32.67 -2.41
N SER C 88 17.42 -33.59 -2.31
CA SER C 88 17.95 -34.25 -3.48
C SER C 88 18.50 -35.62 -3.08
N THR C 89 18.32 -36.59 -3.97
CA THR C 89 18.89 -37.93 -3.81
C THR C 89 19.93 -38.12 -4.88
N GLU C 90 21.14 -38.47 -4.48
CA GLU C 90 22.24 -38.61 -5.41
C GLU C 90 22.97 -39.95 -5.17
N VAL C 91 23.43 -40.55 -6.25
CA VAL C 91 24.15 -41.81 -6.16
C VAL C 91 25.56 -41.58 -6.69
N LEU C 92 26.53 -42.14 -5.99
CA LEU C 92 27.91 -42.08 -6.46
C LEU C 92 28.10 -43.04 -7.63
N GLU C 93 28.49 -42.50 -8.78
CA GLU C 93 28.68 -43.32 -9.97
C GLU C 93 30.15 -43.63 -10.20
N ILE C 94 31.02 -42.65 -9.96
CA ILE C 94 32.44 -42.84 -10.20
C ILE C 94 33.27 -42.27 -9.06
N LEU C 95 34.17 -43.09 -8.51
CA LEU C 95 35.11 -42.59 -7.52
C LEU C 95 36.51 -43.09 -7.86
N ASP C 96 37.22 -42.34 -8.68
CA ASP C 96 38.53 -42.80 -9.15
C ASP C 96 39.66 -42.16 -8.37
N ASP C 97 40.24 -42.92 -7.45
CA ASP C 97 41.38 -42.44 -6.67
C ASP C 97 42.72 -42.47 -7.42
N ASN C 98 42.70 -43.01 -8.64
CA ASN C 98 43.90 -43.05 -9.47
C ASN C 98 43.99 -41.81 -10.35
N GLU C 99 42.84 -41.39 -10.85
CA GLU C 99 42.73 -40.30 -11.82
C GLU C 99 42.13 -39.04 -11.19
N HIS C 100 41.60 -39.17 -9.98
CA HIS C 100 41.01 -38.05 -9.26
C HIS C 100 39.80 -37.53 -9.99
N ILE C 101 38.84 -38.42 -10.18
CA ILE C 101 37.60 -38.09 -10.85
C ILE C 101 36.45 -38.53 -9.95
N LEU C 102 35.42 -37.72 -9.87
CA LEU C 102 34.22 -38.07 -9.11
C LEU C 102 32.98 -37.82 -9.93
N GLY C 103 32.17 -38.85 -10.08
CA GLY C 103 30.96 -38.76 -10.88
C GLY C 103 29.76 -39.13 -10.05
N ILE C 104 28.71 -38.33 -10.20
CA ILE C 104 27.49 -38.52 -9.46
C ILE C 104 26.30 -38.48 -10.42
N ARG C 105 25.16 -39.02 -9.97
CA ARG C 105 23.91 -38.88 -10.69
C ARG C 105 22.78 -38.55 -9.72
N ILE C 106 21.89 -37.64 -10.10
CA ILE C 106 20.74 -37.31 -9.26
C ILE C 106 19.56 -38.20 -9.61
N VAL C 107 18.96 -38.83 -8.60
CA VAL C 107 17.94 -39.85 -8.84
C VAL C 107 16.64 -39.58 -8.12
N GLY C 108 16.59 -38.45 -7.40
CA GLY C 108 15.40 -38.13 -6.61
C GLY C 108 15.47 -36.73 -6.06
N GLY C 109 14.39 -36.28 -5.43
CA GLY C 109 14.32 -34.94 -4.86
C GLY C 109 13.26 -34.06 -5.52
N ASP C 110 13.11 -32.84 -5.02
CA ASP C 110 12.07 -31.96 -5.54
C ASP C 110 12.61 -30.84 -6.42
N HIS C 111 13.74 -31.08 -7.06
CA HIS C 111 14.26 -30.13 -8.02
C HIS C 111 13.64 -30.43 -9.39
N ARG C 112 14.09 -29.71 -10.41
CA ARG C 112 13.60 -29.94 -11.76
C ARG C 112 14.77 -30.33 -12.66
N LEU C 113 15.71 -31.06 -12.08
CA LEU C 113 16.89 -31.53 -12.80
C LEU C 113 16.80 -33.04 -13.00
N LYS C 114 16.17 -33.45 -14.09
CA LYS C 114 15.94 -34.86 -14.35
C LYS C 114 17.06 -35.49 -15.17
N ASN C 115 17.39 -36.75 -14.87
CA ASN C 115 18.49 -37.43 -15.52
C ASN C 115 19.79 -36.65 -15.45
N TYR C 116 20.00 -35.98 -14.31
CA TYR C 116 21.21 -35.19 -14.08
C TYR C 116 22.36 -36.09 -13.69
N SER C 117 23.44 -36.04 -14.44
CA SER C 117 24.67 -36.66 -14.00
C SER C 117 25.79 -35.65 -14.21
N SER C 118 26.84 -35.75 -13.42
CA SER C 118 27.94 -34.77 -13.49
C SER C 118 29.26 -35.39 -13.13
N THR C 119 30.33 -34.72 -13.53
CA THR C 119 31.67 -35.25 -13.40
C THR C 119 32.62 -34.14 -12.99
N ILE C 120 33.40 -34.36 -11.94
CA ILE C 120 34.45 -33.42 -11.61
C ILE C 120 35.81 -34.10 -11.63
N SER C 121 36.77 -33.46 -12.30
CA SER C 121 38.14 -33.96 -12.34
C SER C 121 39.13 -32.91 -11.89
N LEU C 122 40.20 -33.37 -11.27
CA LEU C 122 41.23 -32.49 -10.76
C LEU C 122 42.50 -32.68 -11.56
N HIS C 123 43.23 -31.58 -11.77
CA HIS C 123 44.45 -31.59 -12.54
C HIS C 123 45.41 -30.61 -11.90
N SER C 124 46.67 -31.02 -11.81
CA SER C 124 47.71 -30.17 -11.26
C SER C 124 48.01 -29.01 -12.22
N GLU C 125 48.20 -27.81 -11.67
CA GLU C 125 48.45 -26.63 -12.48
C GLU C 125 49.14 -25.52 -11.70
N THR C 126 50.29 -25.11 -12.20
CA THR C 126 51.10 -24.12 -11.53
C THR C 126 50.86 -22.77 -12.19
N ILE C 127 50.61 -21.76 -11.36
CA ILE C 127 50.38 -20.42 -11.91
C ILE C 127 51.00 -19.36 -11.00
N ASP C 128 51.73 -18.44 -11.62
CA ASP C 128 52.42 -17.37 -10.89
C ASP C 128 53.42 -17.96 -9.91
N GLY C 129 53.97 -19.13 -10.26
CA GLY C 129 55.00 -19.76 -9.48
C GLY C 129 54.47 -20.60 -8.31
N LYS C 130 53.16 -20.62 -8.13
CA LYS C 130 52.58 -21.39 -7.03
C LYS C 130 51.80 -22.59 -7.56
N THR C 131 52.17 -23.77 -7.09
CA THR C 131 51.52 -25.00 -7.53
C THR C 131 50.14 -25.12 -6.88
N GLY C 132 49.13 -25.38 -7.71
CA GLY C 132 47.76 -25.49 -7.26
C GLY C 132 47.02 -26.51 -8.09
N THR C 133 45.71 -26.33 -8.22
CA THR C 133 44.86 -27.34 -8.84
C THR C 133 43.84 -26.71 -9.76
N LEU C 134 43.61 -27.35 -10.90
CA LEU C 134 42.56 -26.95 -11.81
C LEU C 134 41.38 -27.92 -11.69
N ALA C 135 40.26 -27.43 -11.20
CA ALA C 135 39.06 -28.25 -11.11
C ALA C 135 38.16 -28.06 -12.32
N ILE C 136 37.70 -29.16 -12.89
CA ILE C 136 36.82 -29.11 -14.04
C ILE C 136 35.58 -29.91 -13.73
N GLU C 137 34.42 -29.30 -13.92
CA GLU C 137 33.17 -29.97 -13.65
C GLU C 137 32.23 -29.81 -14.83
N SER C 138 31.65 -30.92 -15.25
CA SER C 138 30.69 -30.90 -16.36
C SER C 138 29.45 -31.62 -15.90
N PHE C 139 28.35 -31.42 -16.61
CA PHE C 139 27.11 -32.10 -16.28
C PHE C 139 26.31 -32.34 -17.54
N VAL C 140 25.28 -33.17 -17.41
CA VAL C 140 24.32 -33.40 -18.46
C VAL C 140 22.98 -33.55 -17.79
N VAL C 141 21.95 -32.89 -18.31
CA VAL C 141 20.64 -32.96 -17.70
C VAL C 141 19.51 -32.75 -18.71
N ASP C 142 18.32 -33.23 -18.37
CA ASP C 142 17.11 -32.94 -19.13
C ASP C 142 16.64 -31.51 -18.92
N VAL C 143 16.45 -30.79 -20.03
CA VAL C 143 15.78 -29.50 -20.02
C VAL C 143 14.33 -29.68 -19.59
N PRO C 144 13.94 -29.04 -18.46
CA PRO C 144 12.58 -29.21 -17.92
C PRO C 144 11.53 -28.46 -18.74
N GLU C 145 10.27 -28.73 -18.47
CA GLU C 145 9.18 -28.14 -19.25
C GLU C 145 9.09 -26.64 -19.02
N GLY C 146 8.98 -25.89 -20.11
CA GLY C 146 8.84 -24.44 -20.03
C GLY C 146 10.15 -23.69 -20.20
N ASN C 147 11.27 -24.39 -20.16
CA ASN C 147 12.57 -23.73 -20.21
C ASN C 147 13.37 -24.07 -21.45
N THR C 148 14.41 -23.29 -21.71
CA THR C 148 15.27 -23.54 -22.85
C THR C 148 16.56 -24.20 -22.42
N LYS C 149 17.33 -24.62 -23.42
CA LYS C 149 18.67 -25.15 -23.22
C LYS C 149 19.56 -24.15 -22.49
N GLU C 150 19.59 -22.90 -22.98
N GLU C 150 19.56 -22.92 -23.00
CA GLU C 150 20.44 -21.87 -22.37
CA GLU C 150 20.35 -21.81 -22.46
C GLU C 150 20.01 -21.53 -20.95
C GLU C 150 19.99 -21.52 -21.00
N GLU C 151 18.70 -21.40 -20.74
CA GLU C 151 18.20 -21.12 -19.40
C GLU C 151 18.66 -22.19 -18.43
N THR C 152 18.54 -23.46 -18.84
CA THR C 152 18.88 -24.59 -17.99
C THR C 152 20.35 -24.56 -17.59
N CYS C 153 21.21 -24.16 -18.52
CA CYS C 153 22.64 -24.04 -18.27
C CYS C 153 23.05 -22.81 -17.44
N PHE C 154 22.29 -21.72 -17.55
CA PHE C 154 22.50 -20.58 -16.65
C PHE C 154 22.28 -20.97 -15.19
N PHE C 155 21.15 -21.63 -14.94
CA PHE C 155 20.82 -22.10 -13.62
C PHE C 155 21.91 -23.05 -13.08
N VAL C 156 22.15 -24.16 -13.78
CA VAL C 156 23.11 -25.16 -13.30
C VAL C 156 24.51 -24.57 -13.10
N GLU C 157 24.97 -23.78 -14.06
CA GLU C 157 26.30 -23.18 -13.97
C GLU C 157 26.39 -22.21 -12.81
N ALA C 158 25.28 -21.53 -12.50
CA ALA C 158 25.24 -20.69 -11.32
C ALA C 158 25.53 -21.56 -10.11
N LEU C 159 24.81 -22.67 -9.99
CA LEU C 159 25.00 -23.60 -8.87
C LEU C 159 26.44 -24.16 -8.84
N ILE C 160 26.89 -24.68 -9.97
CA ILE C 160 28.22 -25.28 -10.02
C ILE C 160 29.34 -24.29 -9.73
N GLN C 161 29.24 -23.09 -10.29
CA GLN C 161 30.27 -22.07 -10.04
C GLN C 161 30.34 -21.73 -8.54
N SER C 162 29.18 -21.62 -7.89
CA SER C 162 29.14 -21.43 -6.45
C SER C 162 29.84 -22.58 -5.74
N ASN C 163 29.61 -23.80 -6.20
CA ASN C 163 30.29 -24.95 -5.57
C ASN C 163 31.79 -24.87 -5.71
N LEU C 164 32.26 -24.56 -6.92
CA LEU C 164 33.69 -24.46 -7.19
C LEU C 164 34.35 -23.32 -6.42
N ASN C 165 33.69 -22.16 -6.37
CA ASN C 165 34.20 -21.03 -5.61
C ASN C 165 34.39 -21.40 -4.15
N SER C 166 33.43 -22.12 -3.60
CA SER C 166 33.51 -22.52 -2.20
C SER C 166 34.62 -23.57 -2.02
N LEU C 167 34.73 -24.48 -2.98
CA LEU C 167 35.77 -25.50 -2.90
C LEU C 167 37.10 -24.78 -2.83
N ALA C 168 37.27 -23.78 -3.68
CA ALA C 168 38.53 -23.07 -3.72
C ALA C 168 38.79 -22.36 -2.38
N ASP C 169 37.75 -21.74 -1.83
CA ASP C 169 37.94 -21.00 -0.59
C ASP C 169 38.26 -21.92 0.58
N VAL C 170 37.53 -23.04 0.67
CA VAL C 170 37.77 -23.99 1.76
C VAL C 170 39.19 -24.57 1.71
N THR C 171 39.61 -25.03 0.54
CA THR C 171 40.91 -25.71 0.44
C THR C 171 42.07 -24.73 0.59
N GLU C 172 41.88 -23.50 0.13
CA GLU C 172 42.89 -22.46 0.31
C GLU C 172 43.06 -22.10 1.79
N ARG C 173 41.96 -21.98 2.51
CA ARG C 173 42.03 -21.73 3.95
C ARG C 173 42.78 -22.88 4.64
N LEU C 174 42.41 -24.11 4.32
CA LEU C 174 43.08 -25.28 4.87
C LEU C 174 44.58 -25.25 4.61
N GLN C 175 44.95 -24.97 3.37
CA GLN C 175 46.35 -24.88 2.98
C GLN C 175 47.09 -23.79 3.75
N ALA C 176 46.42 -22.66 4.00
CA ALA C 176 47.01 -21.57 4.78
C ALA C 176 47.30 -22.01 6.23
N GLU C 177 46.33 -22.68 6.84
CA GLU C 177 46.48 -23.17 8.20
C GLU C 177 47.62 -24.19 8.28
N SER C 178 47.70 -25.06 7.28
CA SER C 178 48.76 -26.06 7.20
C SER C 178 50.14 -25.42 7.19
N MET C 179 50.33 -24.44 6.32
CA MET C 179 51.60 -23.69 6.28
C MET C 179 52.05 -23.25 7.66
N GLU C 180 51.09 -22.97 8.54
CA GLU C 180 51.39 -22.51 9.89
C GLU C 180 51.37 -23.64 10.91
N LYS D 15 -3.37 19.42 33.69
CA LYS D 15 -4.41 18.61 33.09
C LYS D 15 -4.45 17.20 33.69
N LYS D 16 -3.28 16.69 34.03
CA LYS D 16 -3.17 15.35 34.60
C LYS D 16 -4.07 15.17 35.82
N HIS D 17 -3.70 15.82 36.92
CA HIS D 17 -4.45 15.72 38.16
C HIS D 17 -5.80 16.42 38.09
N HIS D 18 -5.84 17.56 37.40
CA HIS D 18 -7.08 18.33 37.28
C HIS D 18 -7.48 18.49 35.82
N SER D 25 -28.19 15.45 30.91
CA SER D 25 -28.20 14.52 29.79
C SER D 25 -28.51 15.21 28.45
N GLN D 26 -28.85 16.49 28.53
CA GLN D 26 -29.25 17.22 27.34
C GLN D 26 -28.54 18.56 27.27
N CYS D 27 -28.09 18.93 26.07
CA CYS D 27 -27.38 20.19 25.91
C CYS D 27 -28.16 21.24 25.12
N SER D 28 -27.65 22.46 25.11
CA SER D 28 -28.37 23.55 24.51
C SER D 28 -27.41 24.65 24.20
N SER D 29 -27.70 25.39 23.14
CA SER D 29 -26.88 26.52 22.77
C SER D 29 -27.75 27.49 22.00
N THR D 30 -27.25 28.71 21.85
CA THR D 30 -27.98 29.77 21.17
C THR D 30 -27.07 30.43 20.15
N LEU D 31 -27.62 30.73 18.98
CA LEU D 31 -26.88 31.40 17.92
C LEU D 31 -27.60 32.65 17.44
N VAL D 32 -26.83 33.62 16.96
CA VAL D 32 -27.39 34.91 16.57
C VAL D 32 -26.83 35.34 15.21
N LYS D 33 -27.69 35.93 14.39
CA LYS D 33 -27.27 36.38 13.06
C LYS D 33 -27.95 37.71 12.69
N HIS D 34 -27.14 38.72 12.39
CA HIS D 34 -27.65 40.01 11.93
C HIS D 34 -27.82 39.98 10.41
N ILE D 35 -29.02 40.27 9.93
CA ILE D 35 -29.32 40.18 8.51
C ILE D 35 -29.61 41.56 7.92
N LYS D 36 -29.08 41.81 6.73
CA LYS D 36 -29.32 43.10 6.07
C LYS D 36 -30.57 43.01 5.19
N ALA D 37 -31.70 42.80 5.84
CA ALA D 37 -32.98 42.72 5.16
C ALA D 37 -34.08 43.05 6.16
N PRO D 38 -35.22 43.56 5.66
CA PRO D 38 -36.35 43.93 6.52
C PRO D 38 -37.02 42.73 7.17
N LEU D 39 -37.37 42.86 8.45
CA LEU D 39 -38.06 41.83 9.21
C LEU D 39 -39.19 41.15 8.44
N HIS D 40 -40.00 41.92 7.72
CA HIS D 40 -41.16 41.34 7.04
C HIS D 40 -40.75 40.35 5.94
N LEU D 41 -39.60 40.59 5.34
CA LEU D 41 -39.07 39.74 4.26
C LEU D 41 -38.38 38.49 4.83
N VAL D 42 -37.63 38.66 5.90
CA VAL D 42 -36.98 37.55 6.55
C VAL D 42 -38.04 36.59 7.11
N TRP D 43 -39.03 37.14 7.80
CA TRP D 43 -40.08 36.30 8.38
C TRP D 43 -40.92 35.57 7.33
N SER D 44 -41.08 36.14 6.13
CA SER D 44 -41.84 35.43 5.11
C SER D 44 -41.07 34.22 4.59
N ILE D 45 -39.78 34.19 4.84
CA ILE D 45 -38.99 33.01 4.46
C ILE D 45 -38.86 32.02 5.62
N VAL D 46 -38.53 32.51 6.80
CA VAL D 46 -38.45 31.69 8.00
C VAL D 46 -39.74 30.93 8.34
N ARG D 47 -40.88 31.58 8.18
CA ARG D 47 -42.15 30.98 8.58
C ARG D 47 -42.58 29.81 7.70
N ARG D 48 -41.92 29.61 6.55
CA ARG D 48 -42.34 28.59 5.60
C ARG D 48 -41.93 27.17 6.03
N PHE D 49 -42.65 26.65 7.02
CA PHE D 49 -42.36 25.34 7.58
C PHE D 49 -42.49 24.26 6.50
N ASP D 50 -43.34 24.52 5.51
CA ASP D 50 -43.49 23.65 4.34
C ASP D 50 -42.35 23.72 3.30
N GLU D 51 -41.51 24.76 3.35
CA GLU D 51 -40.45 24.89 2.36
C GLU D 51 -39.13 25.35 3.00
N PRO D 52 -38.55 24.52 3.87
CA PRO D 52 -37.26 24.92 4.47
C PRO D 52 -36.14 24.98 3.42
N GLN D 53 -36.29 24.30 2.28
CA GLN D 53 -35.26 24.33 1.25
C GLN D 53 -35.05 25.71 0.64
N LYS D 54 -35.92 26.66 0.98
CA LYS D 54 -35.74 28.05 0.54
C LYS D 54 -34.39 28.61 0.99
N TYR D 55 -33.97 28.28 2.21
CA TYR D 55 -32.70 28.78 2.70
C TYR D 55 -31.81 27.72 3.37
N LYS D 56 -32.32 26.51 3.57
CA LYS D 56 -31.51 25.45 4.17
C LYS D 56 -30.86 24.61 3.08
N PRO D 57 -29.54 24.75 2.92
CA PRO D 57 -28.78 24.15 1.82
C PRO D 57 -28.71 22.62 1.86
N PHE D 58 -28.89 22.01 3.02
CA PHE D 58 -28.74 20.55 3.12
C PHE D 58 -30.02 19.76 2.82
N ILE D 59 -31.09 20.46 2.52
CA ILE D 59 -32.37 19.83 2.24
C ILE D 59 -32.60 19.62 0.75
N SER D 60 -32.93 18.40 0.37
CA SER D 60 -33.20 18.08 -1.03
C SER D 60 -34.69 18.04 -1.32
N ARG D 61 -35.47 17.60 -0.32
CA ARG D 61 -36.92 17.52 -0.47
C ARG D 61 -37.62 17.76 0.85
N CYS D 62 -38.82 18.30 0.79
CA CYS D 62 -39.68 18.41 1.96
C CYS D 62 -41.14 18.18 1.56
N VAL D 63 -41.86 17.39 2.34
CA VAL D 63 -43.29 17.15 2.10
C VAL D 63 -44.11 17.34 3.37
N VAL D 64 -45.27 17.97 3.21
CA VAL D 64 -46.24 18.14 4.27
C VAL D 64 -47.58 17.63 3.77
N GLN D 65 -48.51 17.36 4.68
CA GLN D 65 -49.82 16.87 4.28
C GLN D 65 -50.60 17.91 3.47
N GLY D 66 -50.68 19.12 4.00
CA GLY D 66 -51.37 20.20 3.33
C GLY D 66 -50.60 21.51 3.39
N LYS D 67 -51.02 22.49 2.59
CA LYS D 67 -50.35 23.78 2.57
C LYS D 67 -50.72 24.62 3.78
N LYS D 68 -51.78 24.20 4.47
CA LYS D 68 -52.21 24.90 5.67
C LYS D 68 -51.19 24.74 6.80
N LEU D 69 -50.48 25.82 7.09
CA LEU D 69 -49.49 25.82 8.15
C LEU D 69 -50.17 26.10 9.49
N GLU D 70 -50.11 25.13 10.39
CA GLU D 70 -50.70 25.27 11.71
C GLU D 70 -49.91 24.45 12.71
N VAL D 71 -50.01 24.81 13.99
CA VAL D 71 -49.39 24.03 15.04
C VAL D 71 -49.84 22.56 14.89
N GLY D 72 -48.89 21.63 14.98
CA GLY D 72 -49.22 20.23 14.83
C GLY D 72 -48.98 19.69 13.43
N SER D 73 -48.64 20.57 12.50
CA SER D 73 -48.27 20.13 11.14
C SER D 73 -47.00 19.30 11.19
N VAL D 74 -46.96 18.27 10.36
CA VAL D 74 -45.80 17.39 10.32
C VAL D 74 -45.17 17.48 8.95
N ARG D 75 -43.85 17.54 8.91
CA ARG D 75 -43.15 17.53 7.64
C ARG D 75 -42.16 16.40 7.64
N GLU D 76 -41.86 15.88 6.46
CA GLU D 76 -40.84 14.85 6.29
C GLU D 76 -39.78 15.39 5.35
N VAL D 77 -38.54 15.48 5.80
CA VAL D 77 -37.52 16.02 4.91
C VAL D 77 -36.48 14.97 4.54
N ASP D 78 -36.02 15.04 3.31
CA ASP D 78 -34.92 14.22 2.84
C ASP D 78 -33.72 15.13 2.69
N LEU D 79 -32.58 14.70 3.24
CA LEU D 79 -31.37 15.54 3.15
C LEU D 79 -30.54 15.17 1.94
N LYS D 80 -29.72 16.12 1.48
CA LYS D 80 -28.77 15.81 0.42
C LYS D 80 -27.69 14.83 0.91
N SER D 81 -27.03 14.18 -0.03
CA SER D 81 -26.06 13.13 0.25
C SER D 81 -24.78 13.65 0.95
N GLY D 82 -24.07 12.76 1.64
CA GLY D 82 -22.81 13.12 2.25
C GLY D 82 -22.87 13.52 3.71
N LEU D 83 -24.08 13.60 4.25
CA LEU D 83 -24.27 14.01 5.65
C LEU D 83 -24.44 12.78 6.53
N PRO D 84 -24.22 12.94 7.84
CA PRO D 84 -24.45 11.84 8.78
C PRO D 84 -25.91 11.44 8.93
N ALA D 85 -26.82 12.17 8.29
CA ALA D 85 -28.24 11.81 8.30
C ALA D 85 -28.81 11.78 6.88
N THR D 86 -29.98 11.18 6.71
CA THR D 86 -30.63 11.13 5.40
C THR D 86 -32.08 11.60 5.42
N LYS D 87 -32.72 11.52 6.58
CA LYS D 87 -34.12 11.91 6.67
C LYS D 87 -34.52 12.39 8.06
N SER D 88 -35.62 13.13 8.13
CA SER D 88 -36.08 13.72 9.38
C SER D 88 -37.59 13.96 9.34
N THR D 89 -38.25 13.72 10.46
CA THR D 89 -39.67 14.04 10.63
C THR D 89 -39.78 15.08 11.72
N GLU D 90 -40.52 16.14 11.45
CA GLU D 90 -40.55 17.30 12.33
C GLU D 90 -41.97 17.82 12.49
N VAL D 91 -42.29 18.34 13.67
CA VAL D 91 -43.61 18.86 13.94
C VAL D 91 -43.49 20.34 14.30
N LEU D 92 -44.42 21.13 13.78
CA LEU D 92 -44.48 22.56 14.04
C LEU D 92 -45.13 22.79 15.40
N GLU D 93 -44.35 23.29 16.36
CA GLU D 93 -44.84 23.46 17.72
C GLU D 93 -45.28 24.89 17.99
N ILE D 94 -44.62 25.85 17.37
CA ILE D 94 -44.95 27.24 17.55
C ILE D 94 -44.88 27.94 16.20
N LEU D 95 -45.96 28.62 15.86
CA LEU D 95 -45.98 29.51 14.70
C LEU D 95 -46.63 30.83 15.13
N ASP D 96 -45.81 31.77 15.58
CA ASP D 96 -46.35 33.04 16.08
C ASP D 96 -46.24 34.13 15.02
N ASP D 97 -47.33 34.35 14.29
CA ASP D 97 -47.34 35.31 13.18
C ASP D 97 -47.49 36.75 13.64
N ASN D 98 -47.57 36.95 14.96
CA ASN D 98 -47.67 38.30 15.51
C ASN D 98 -46.33 38.76 16.05
N GLU D 99 -45.62 37.86 16.72
CA GLU D 99 -44.31 38.19 17.30
C GLU D 99 -43.13 37.62 16.53
N HIS D 100 -43.40 36.88 15.46
CA HIS D 100 -42.34 36.33 14.60
C HIS D 100 -41.46 35.29 15.28
N ILE D 101 -42.07 34.18 15.68
CA ILE D 101 -41.37 33.08 16.35
C ILE D 101 -41.81 31.74 15.79
N LEU D 102 -40.83 30.92 15.41
CA LEU D 102 -41.09 29.59 14.84
C LEU D 102 -40.47 28.51 15.73
N GLY D 103 -41.26 27.53 16.15
CA GLY D 103 -40.77 26.49 17.04
C GLY D 103 -41.01 25.11 16.46
N ILE D 104 -39.95 24.32 16.35
CA ILE D 104 -40.04 22.97 15.78
C ILE D 104 -39.52 21.89 16.72
N ARG D 105 -40.02 20.67 16.56
CA ARG D 105 -39.50 19.49 17.27
C ARG D 105 -39.28 18.34 16.29
N ILE D 106 -38.13 17.68 16.39
CA ILE D 106 -37.85 16.51 15.56
C ILE D 106 -38.46 15.29 16.21
N VAL D 107 -39.27 14.53 15.47
CA VAL D 107 -39.96 13.37 16.02
C VAL D 107 -39.72 12.08 15.24
N GLY D 108 -38.65 12.04 14.44
CA GLY D 108 -38.33 10.82 13.72
C GLY D 108 -37.22 11.07 12.72
N GLY D 109 -36.73 10.01 12.08
CA GLY D 109 -35.61 10.14 11.14
C GLY D 109 -34.39 9.35 11.59
N ASP D 110 -33.33 9.37 10.79
CA ASP D 110 -32.16 8.54 11.04
C ASP D 110 -30.96 9.34 11.53
N HIS D 111 -31.20 10.53 12.07
CA HIS D 111 -30.14 11.32 12.65
C HIS D 111 -29.93 10.84 14.09
N ARG D 112 -28.96 11.42 14.78
CA ARG D 112 -28.71 11.01 16.16
C ARG D 112 -29.12 12.12 17.12
N LEU D 113 -30.13 12.89 16.75
CA LEU D 113 -30.60 13.97 17.59
C LEU D 113 -31.96 13.60 18.18
N LYS D 114 -31.95 12.99 19.36
CA LYS D 114 -33.21 12.62 20.03
C LYS D 114 -33.74 13.78 20.87
N ASN D 115 -35.05 13.94 20.88
CA ASN D 115 -35.70 14.98 21.68
C ASN D 115 -35.19 16.37 21.36
N TYR D 116 -34.89 16.58 20.09
CA TYR D 116 -34.43 17.86 19.61
C TYR D 116 -35.61 18.79 19.48
N SER D 117 -35.49 19.99 20.04
CA SER D 117 -36.44 21.05 19.74
C SER D 117 -35.71 22.36 19.64
N SER D 118 -36.15 23.21 18.73
CA SER D 118 -35.53 24.53 18.53
C SER D 118 -36.57 25.63 18.39
N THR D 119 -36.10 26.86 18.55
CA THR D 119 -36.91 28.05 18.48
C THR D 119 -36.13 29.11 17.74
N ILE D 120 -36.74 29.72 16.73
CA ILE D 120 -36.13 30.91 16.15
C ILE D 120 -37.06 32.09 16.39
N SER D 121 -36.50 33.22 16.81
CA SER D 121 -37.24 34.48 16.89
C SER D 121 -36.56 35.56 16.04
N LEU D 122 -37.36 36.44 15.43
CA LEU D 122 -36.80 37.53 14.64
C LEU D 122 -37.11 38.87 15.29
N HIS D 123 -36.19 39.82 15.15
CA HIS D 123 -36.33 41.13 15.77
C HIS D 123 -35.77 42.23 14.87
N SER D 124 -36.59 43.24 14.58
CA SER D 124 -36.11 44.37 13.81
C SER D 124 -34.95 45.06 14.56
N GLU D 125 -33.92 45.47 13.82
CA GLU D 125 -32.78 46.19 14.40
C GLU D 125 -32.14 47.13 13.37
N THR D 126 -31.11 47.85 13.79
CA THR D 126 -30.39 48.77 12.93
C THR D 126 -28.93 48.92 13.35
N ILE D 127 -28.06 49.14 12.38
CA ILE D 127 -26.64 49.32 12.65
C ILE D 127 -25.85 49.55 11.37
N LYS D 130 -27.91 50.73 9.61
CA LYS D 130 -29.21 50.68 8.96
C LYS D 130 -30.19 49.79 9.71
N THR D 131 -31.45 49.81 9.27
CA THR D 131 -32.49 49.02 9.90
C THR D 131 -32.62 47.66 9.23
N GLY D 132 -32.27 46.60 9.96
CA GLY D 132 -32.35 45.26 9.42
C GLY D 132 -33.09 44.31 10.34
N THR D 133 -32.64 43.06 10.34
CA THR D 133 -33.27 42.02 11.16
C THR D 133 -32.24 41.20 11.94
N LEU D 134 -32.50 41.02 13.23
CA LEU D 134 -31.70 40.12 14.06
C LEU D 134 -32.38 38.75 14.23
N ALA D 135 -31.69 37.68 13.84
CA ALA D 135 -32.22 36.33 13.98
C ALA D 135 -31.55 35.60 15.13
N ILE D 136 -32.36 35.06 16.04
CA ILE D 136 -31.85 34.26 17.14
C ILE D 136 -32.44 32.85 17.07
N GLU D 137 -31.58 31.84 17.12
CA GLU D 137 -32.01 30.45 17.12
C GLU D 137 -31.41 29.65 18.28
N SER D 138 -32.27 29.02 19.05
CA SER D 138 -31.83 28.17 20.15
C SER D 138 -32.32 26.74 19.96
N PHE D 139 -31.67 25.81 20.63
CA PHE D 139 -32.08 24.42 20.60
C PHE D 139 -31.81 23.76 21.94
N VAL D 140 -32.53 22.68 22.19
CA VAL D 140 -32.17 21.75 23.24
C VAL D 140 -32.25 20.34 22.64
N VAL D 141 -31.36 19.45 23.06
CA VAL D 141 -31.29 18.10 22.51
C VAL D 141 -30.58 17.13 23.48
N ASP D 142 -30.93 15.85 23.39
CA ASP D 142 -30.21 14.80 24.11
C ASP D 142 -28.82 14.58 23.52
N VAL D 143 -27.80 14.47 24.38
CA VAL D 143 -26.48 14.08 23.91
C VAL D 143 -26.52 12.60 23.53
N PRO D 144 -26.20 12.30 22.25
CA PRO D 144 -26.30 10.91 21.80
C PRO D 144 -25.22 10.04 22.46
N GLU D 145 -25.52 8.75 22.58
CA GLU D 145 -24.58 7.76 23.11
C GLU D 145 -23.26 7.69 22.33
N GLY D 146 -22.17 8.05 23.00
CA GLY D 146 -20.86 8.02 22.38
C GLY D 146 -20.22 9.38 22.32
N ASN D 147 -21.02 10.43 22.47
CA ASN D 147 -20.50 11.78 22.36
C ASN D 147 -20.51 12.59 23.64
N THR D 148 -19.80 13.71 23.59
CA THR D 148 -19.78 14.67 24.67
C THR D 148 -20.66 15.86 24.33
N LYS D 149 -21.23 16.47 25.36
CA LYS D 149 -22.06 17.66 25.19
C LYS D 149 -21.32 18.74 24.37
N GLU D 150 -20.01 18.85 24.57
CA GLU D 150 -19.23 19.85 23.86
C GLU D 150 -19.19 19.52 22.36
N GLU D 151 -19.05 18.24 22.05
CA GLU D 151 -19.11 17.78 20.66
C GLU D 151 -20.48 18.06 20.05
N THR D 152 -21.53 17.73 20.77
CA THR D 152 -22.89 17.88 20.28
C THR D 152 -23.24 19.34 19.99
N CYS D 153 -22.87 20.23 20.91
CA CYS D 153 -23.13 21.64 20.68
C CYS D 153 -22.39 22.10 19.44
N PHE D 154 -21.12 21.69 19.33
CA PHE D 154 -20.33 22.02 18.17
C PHE D 154 -21.00 21.58 16.87
N PHE D 155 -21.52 20.36 16.89
CA PHE D 155 -22.18 19.76 15.72
C PHE D 155 -23.46 20.52 15.35
N VAL D 156 -24.38 20.68 16.31
CA VAL D 156 -25.61 21.42 16.06
C VAL D 156 -25.32 22.87 15.71
N GLU D 157 -24.47 23.50 16.51
CA GLU D 157 -24.08 24.89 16.28
C GLU D 157 -23.62 25.09 14.85
N ALA D 158 -22.81 24.14 14.38
CA ALA D 158 -22.29 24.20 13.02
C ALA D 158 -23.44 24.17 12.02
N LEU D 159 -24.38 23.26 12.22
CA LEU D 159 -25.51 23.18 11.31
C LEU D 159 -26.38 24.44 11.36
N ILE D 160 -26.65 24.93 12.56
CA ILE D 160 -27.48 26.13 12.70
C ILE D 160 -26.80 27.36 12.10
N GLN D 161 -25.50 27.51 12.35
CA GLN D 161 -24.78 28.62 11.74
C GLN D 161 -24.92 28.57 10.23
N SER D 162 -24.66 27.42 9.64
CA SER D 162 -24.76 27.34 8.19
C SER D 162 -26.14 27.81 7.77
N ASN D 163 -27.15 27.40 8.54
CA ASN D 163 -28.52 27.74 8.20
C ASN D 163 -28.78 29.25 8.27
N LEU D 164 -28.36 29.88 9.37
CA LEU D 164 -28.47 31.32 9.51
C LEU D 164 -27.72 32.09 8.43
N ASN D 165 -26.49 31.66 8.13
CA ASN D 165 -25.70 32.31 7.09
C ASN D 165 -26.37 32.21 5.73
N SER D 166 -26.96 31.06 5.44
CA SER D 166 -27.68 30.93 4.19
C SER D 166 -28.93 31.80 4.20
N LEU D 167 -29.57 31.92 5.34
CA LEU D 167 -30.78 32.74 5.46
C LEU D 167 -30.43 34.20 5.15
N ALA D 168 -29.37 34.68 5.80
CA ALA D 168 -28.83 36.01 5.53
C ALA D 168 -28.61 36.21 4.04
N ASP D 169 -27.85 35.29 3.43
CA ASP D 169 -27.60 35.33 2.00
C ASP D 169 -28.87 35.39 1.16
N VAL D 170 -29.80 34.50 1.43
CA VAL D 170 -31.00 34.41 0.62
C VAL D 170 -31.88 35.66 0.72
N THR D 171 -32.07 36.16 1.94
CA THR D 171 -32.96 37.31 2.15
C THR D 171 -32.33 38.62 1.68
N GLU D 172 -31.04 38.78 1.90
CA GLU D 172 -30.31 39.94 1.38
C GLU D 172 -30.39 39.99 -0.15
N ARG D 173 -30.33 38.83 -0.78
CA ARG D 173 -30.42 38.78 -2.23
C ARG D 173 -31.81 39.17 -2.69
N LEU D 174 -32.84 38.64 -2.04
CA LEU D 174 -34.22 38.96 -2.39
C LEU D 174 -34.52 40.43 -2.16
N GLN D 175 -33.78 41.02 -1.21
CA GLN D 175 -33.92 42.43 -0.86
C GLN D 175 -33.41 43.34 -1.98
N ALA D 176 -32.18 43.12 -2.42
CA ALA D 176 -31.63 43.82 -3.59
C ALA D 176 -32.51 43.55 -4.80
N GLU D 177 -32.93 42.29 -4.96
CA GLU D 177 -33.77 41.90 -6.08
C GLU D 177 -35.09 42.67 -6.08
N SER D 178 -35.42 43.31 -4.96
CA SER D 178 -36.65 44.08 -4.86
C SER D 178 -36.43 45.57 -5.15
N MET D 179 -35.21 46.05 -4.91
CA MET D 179 -34.85 47.44 -5.20
C MET D 179 -35.04 47.77 -6.68
N GLU D 180 -35.40 46.76 -7.48
CA GLU D 180 -35.63 46.94 -8.90
C GLU D 180 -36.67 45.94 -9.40
#